data_8HOQ
#
_entry.id   8HOQ
#
_cell.length_a   58.639
_cell.length_b   147.949
_cell.length_c   64.725
_cell.angle_alpha   90.00
_cell.angle_beta   100.16
_cell.angle_gamma   90.00
#
_symmetry.space_group_name_H-M   'P 1 21 1'
#
loop_
_entity.id
_entity.type
_entity.pdbx_description
1 polymer 'Bifunctional cytochrome P450/NADPH--P450 reductase'
2 polymer Im-C6-Phe(4CF3)-Tyr
3 non-polymer 'PROTOPORPHYRIN IX CONTAINING FE'
4 water water
#
loop_
_entity_poly.entity_id
_entity_poly.type
_entity_poly.pdbx_seq_one_letter_code
_entity_poly.pdbx_strand_id
1 'polypeptide(L)'
;GMTIKEMPQPKTFGELKNLPLLNTDKPVQALMKIADELGEIFKFEAPGRVTRYLSSQRLIKEACDESRFDKNLSQALKFV
RDFAGDGLATSWTHEKNWKKAHNILLPSFSQQAMKGYHAMMVDIAVQLVQKWERLNADEHIEVPEDMTRLTLDTIGLCGF
NYRFNSFYRDQPHPFITSMVRALDEAMNKLQRANPDDPAYDENKRQFQEDIKVMNDLVDKIIADRKASGEQSDDLLTHML
NGKDPETGEPLDDENIRYQIITFLIAGHETTSGLLSFALYFLVKNPHVLQKAAEEAARVLVDPVPSYKQVKQLKYVGMVL
NEALRLWPTAPAFSLYAKEDTVLGGEYPLEKGDELMVLIPQLHRDKTIWGDDVEEFRPERFENPSAIPQHAFKPFGNGQR
ACIGQQFALHEATLVLGMMLKHFDFEDHTNYELDIKETLTLKPEGFVVKAKSKKIPLLEHHHHHH
;
A,B
2 'polypeptide(L)' (I7X)(55I)Y C,D
#
loop_
_chem_comp.id
_chem_comp.type
_chem_comp.name
_chem_comp.formula
HEM non-polymer 'PROTOPORPHYRIN IX CONTAINING FE' 'C34 H32 Fe N4 O4'
I7X non-polymer '6-imidazol-1-ylhexanoic acid' 'C9 H14 N2 O2'
#
# COMPACT_ATOMS: atom_id res chain seq x y z
N LYS A 5 33.15 -11.83 4.25
CA LYS A 5 33.35 -11.69 5.69
C LYS A 5 34.07 -10.39 6.03
N GLU A 6 35.30 -10.25 5.53
CA GLU A 6 36.07 -9.03 5.73
C GLU A 6 35.61 -7.96 4.76
N MET A 7 35.29 -6.78 5.28
CA MET A 7 34.60 -5.77 4.47
C MET A 7 35.61 -4.81 3.87
N PRO A 8 35.52 -4.52 2.58
CA PRO A 8 36.48 -3.59 1.95
C PRO A 8 36.36 -2.19 2.52
N GLN A 9 37.43 -1.43 2.35
CA GLN A 9 37.47 -0.07 2.85
C GLN A 9 38.38 0.75 1.96
N PRO A 10 38.01 1.98 1.61
CA PRO A 10 38.87 2.79 0.74
C PRO A 10 40.09 3.31 1.48
N LYS A 11 40.97 4.00 0.74
CA LYS A 11 42.26 4.42 1.29
C LYS A 11 42.07 5.33 2.49
N THR A 12 43.04 5.27 3.41
CA THR A 12 42.96 6.01 4.67
C THR A 12 44.06 7.05 4.76
N PHE A 13 43.86 7.99 5.69
CA PHE A 13 44.76 9.13 5.86
C PHE A 13 45.20 9.19 7.34
N GLY A 14 45.84 8.11 7.79
CA GLY A 14 46.31 8.08 9.17
C GLY A 14 45.15 8.24 10.15
N GLU A 15 45.31 9.20 11.06
CA GLU A 15 44.32 9.41 12.11
C GLU A 15 42.97 9.84 11.55
N LEU A 16 42.96 10.50 10.39
CA LEU A 16 41.71 10.98 9.80
C LEU A 16 40.92 9.87 9.11
N LYS A 17 41.46 8.64 9.06
CA LYS A 17 40.79 7.48 8.45
C LYS A 17 40.33 7.84 7.04
N ASN A 18 39.05 7.68 6.69
CA ASN A 18 38.54 7.96 5.35
C ASN A 18 38.03 9.39 5.18
N LEU A 19 37.99 10.18 6.25
CA LEU A 19 37.30 11.48 6.19
C LEU A 19 37.81 12.42 5.09
N PRO A 20 39.11 12.51 4.80
CA PRO A 20 39.54 13.41 3.71
C PRO A 20 38.97 13.06 2.35
N LEU A 21 38.46 11.84 2.15
CA LEU A 21 37.83 11.48 0.88
C LEU A 21 36.58 12.30 0.61
N LEU A 22 35.91 12.79 1.66
CA LEU A 22 34.73 13.63 1.49
C LEU A 22 35.06 15.09 1.22
N ASN A 23 36.33 15.49 1.37
CA ASN A 23 36.73 16.86 1.08
C ASN A 23 36.97 17.00 -0.42
N THR A 24 35.87 16.88 -1.16
CA THR A 24 35.86 16.99 -2.60
C THR A 24 34.55 17.64 -2.98
N ASP A 25 34.51 18.29 -4.14
CA ASP A 25 33.26 18.99 -4.41
C ASP A 25 32.20 18.10 -5.04
N LYS A 26 32.52 16.85 -5.37
CA LYS A 26 31.55 15.90 -5.89
C LYS A 26 31.61 14.60 -5.08
N PRO A 27 31.19 14.64 -3.81
CA PRO A 27 31.39 13.46 -2.95
C PRO A 27 30.55 12.25 -3.32
N VAL A 28 29.31 12.45 -3.78
CA VAL A 28 28.48 11.31 -4.19
C VAL A 28 29.13 10.61 -5.37
N GLN A 29 29.56 11.38 -6.37
CA GLN A 29 30.24 10.79 -7.52
C GLN A 29 31.54 10.11 -7.10
N ALA A 30 32.25 10.69 -6.13
CA ALA A 30 33.44 10.02 -5.60
C ALA A 30 33.08 8.69 -4.92
N LEU A 31 31.98 8.67 -4.15
CA LEU A 31 31.58 7.45 -3.48
C LEU A 31 31.14 6.39 -4.48
N MET A 32 30.53 6.81 -5.59
CA MET A 32 30.17 5.88 -6.65
C MET A 32 31.42 5.22 -7.25
N LYS A 33 32.47 6.02 -7.49
CA LYS A 33 33.71 5.46 -8.01
C LYS A 33 34.36 4.52 -7.00
N ILE A 34 34.28 4.83 -5.71
CA ILE A 34 34.77 3.90 -4.70
C ILE A 34 34.00 2.59 -4.76
N ALA A 35 32.67 2.68 -4.90
CA ALA A 35 31.86 1.48 -5.01
C ALA A 35 32.19 0.69 -6.26
N ASP A 36 32.48 1.39 -7.37
CA ASP A 36 32.94 0.70 -8.57
C ASP A 36 34.17 -0.15 -8.29
N GLU A 37 35.09 0.38 -7.48
CA GLU A 37 36.33 -0.33 -7.18
C GLU A 37 36.13 -1.44 -6.16
N LEU A 38 35.39 -1.17 -5.08
CA LEU A 38 35.32 -2.09 -3.96
C LEU A 38 34.09 -2.97 -3.96
N GLY A 39 33.05 -2.65 -4.74
CA GLY A 39 31.89 -3.51 -4.81
C GLY A 39 30.69 -3.10 -4.00
N GLU A 40 29.86 -4.09 -3.64
CA GLU A 40 28.52 -3.82 -3.13
C GLU A 40 28.52 -3.24 -1.72
N ILE A 41 29.62 -3.32 -0.98
CA ILE A 41 29.62 -2.80 0.39
C ILE A 41 31.05 -2.41 0.77
N PHE A 42 31.20 -1.24 1.36
CA PHE A 42 32.51 -0.87 1.90
C PHE A 42 32.31 -0.06 3.17
N LYS A 43 33.26 -0.23 4.09
CA LYS A 43 33.27 0.51 5.33
C LYS A 43 33.85 1.90 5.10
N PHE A 44 33.26 2.91 5.76
CA PHE A 44 33.77 4.27 5.69
C PHE A 44 33.93 4.76 7.11
N GLU A 45 35.16 5.07 7.51
CA GLU A 45 35.45 5.45 8.87
C GLU A 45 35.95 6.88 8.93
N ALA A 46 35.55 7.57 9.98
CA ALA A 46 36.01 8.92 10.28
C ALA A 46 36.19 8.99 11.80
N PRO A 47 36.81 10.05 12.33
CA PRO A 47 36.89 10.17 13.79
C PRO A 47 35.49 10.15 14.40
N GLY A 48 35.24 9.15 15.25
CA GLY A 48 33.98 9.01 15.95
C GLY A 48 32.80 8.61 15.10
N ARG A 49 33.04 8.05 13.91
CA ARG A 49 31.95 7.70 13.00
C ARG A 49 32.38 6.48 12.19
N VAL A 50 31.49 5.51 12.09
CA VAL A 50 31.65 4.36 11.20
C VAL A 50 30.33 4.16 10.48
N THR A 51 30.38 4.05 9.16
CA THR A 51 29.20 3.69 8.39
C THR A 51 29.59 2.75 7.27
N ARG A 52 28.59 2.20 6.59
CA ARG A 52 28.82 1.20 5.55
C ARG A 52 27.94 1.55 4.37
N TYR A 53 28.57 1.75 3.20
CA TYR A 53 27.86 2.16 2.00
C TYR A 53 27.43 0.92 1.23
N LEU A 54 26.13 0.79 0.99
CA LEU A 54 25.56 -0.32 0.24
C LEU A 54 25.23 0.12 -1.18
N SER A 55 25.53 -0.75 -2.15
CA SER A 55 25.33 -0.43 -3.56
C SER A 55 24.58 -1.48 -4.37
N SER A 56 24.35 -2.68 -3.83
CA SER A 56 23.72 -3.76 -4.59
C SER A 56 22.30 -3.96 -4.12
N GLN A 57 21.43 -4.32 -5.07
CA GLN A 57 20.06 -4.70 -4.71
C GLN A 57 20.05 -5.88 -3.74
N ARG A 58 21.02 -6.78 -3.86
CA ARG A 58 21.12 -7.95 -2.98
C ARG A 58 21.13 -7.54 -1.51
N LEU A 59 21.98 -6.58 -1.15
CA LEU A 59 22.07 -6.17 0.25
C LEU A 59 21.02 -5.13 0.62
N ILE A 60 20.67 -4.26 -0.33
CA ILE A 60 19.75 -3.16 -0.03
C ILE A 60 18.33 -3.69 0.20
N LYS A 61 17.96 -4.80 -0.44
CA LYS A 61 16.64 -5.36 -0.17
C LYS A 61 16.52 -5.82 1.28
N GLU A 62 17.62 -6.26 1.89
CA GLU A 62 17.64 -6.58 3.31
C GLU A 62 17.64 -5.32 4.17
N ALA A 63 18.41 -4.31 3.79
CA ALA A 63 18.43 -3.06 4.54
C ALA A 63 17.06 -2.41 4.59
N CYS A 64 16.20 -2.66 3.59
CA CYS A 64 14.86 -2.10 3.55
C CYS A 64 13.85 -2.90 4.35
N ASP A 65 14.28 -3.97 5.01
CA ASP A 65 13.43 -4.72 5.94
C ASP A 65 13.22 -3.88 7.20
N GLU A 66 12.01 -3.33 7.36
CA GLU A 66 11.74 -2.43 8.47
C GLU A 66 11.75 -3.14 9.83
N SER A 67 11.61 -4.47 9.85
CA SER A 67 11.72 -5.18 11.12
C SER A 67 13.15 -5.23 11.62
N ARG A 68 14.13 -5.03 10.74
CA ARG A 68 15.54 -5.10 11.10
C ARG A 68 16.26 -3.76 11.07
N PHE A 69 15.80 -2.81 10.25
CA PHE A 69 16.44 -1.50 10.16
C PHE A 69 15.41 -0.39 10.17
N ASP A 70 15.77 0.72 10.82
CA ASP A 70 14.97 1.93 10.91
C ASP A 70 15.78 3.09 10.34
N LYS A 71 15.10 4.19 10.01
CA LYS A 71 15.81 5.35 9.46
C LYS A 71 16.77 5.94 10.48
N ASN A 72 17.98 6.25 10.02
CA ASN A 72 18.97 6.97 10.79
C ASN A 72 19.09 8.39 10.25
N LEU A 73 19.37 9.34 11.15
CA LEU A 73 19.72 10.68 10.70
C LEU A 73 21.20 10.70 10.35
N SER A 74 21.51 10.75 9.05
CA SER A 74 22.86 10.99 8.61
C SER A 74 23.41 12.29 9.20
N GLN A 75 24.71 12.48 9.08
CA GLN A 75 25.29 13.74 9.54
C GLN A 75 24.69 14.92 8.78
N ALA A 76 24.39 14.72 7.48
CA ALA A 76 23.71 15.75 6.71
C ALA A 76 22.35 16.11 7.30
N LEU A 77 21.54 15.09 7.61
CA LEU A 77 20.22 15.37 8.16
C LEU A 77 20.31 15.99 9.55
N LYS A 78 21.28 15.56 10.36
CA LYS A 78 21.43 16.17 11.68
C LYS A 78 21.72 17.65 11.58
N PHE A 79 22.53 18.06 10.61
CA PHE A 79 22.82 19.48 10.41
C PHE A 79 21.62 20.23 9.85
N VAL A 80 20.87 19.59 8.93
CA VAL A 80 19.65 20.20 8.43
C VAL A 80 18.63 20.35 9.55
N ARG A 81 18.65 19.44 10.52
CA ARG A 81 17.70 19.51 11.62
C ARG A 81 17.82 20.81 12.40
N ASP A 82 18.98 21.45 12.38
CA ASP A 82 19.13 22.73 13.06
C ASP A 82 18.21 23.82 12.51
N PHE A 83 17.66 23.64 11.30
CA PHE A 83 16.61 24.53 10.84
C PHE A 83 15.34 23.83 10.35
N ALA A 84 15.37 22.53 10.09
CA ALA A 84 14.13 21.80 9.79
C ALA A 84 13.50 21.20 11.05
N GLY A 85 14.18 21.30 12.19
CA GLY A 85 13.63 20.86 13.46
C GLY A 85 13.16 19.42 13.42
N ASP A 86 12.05 19.15 14.11
CA ASP A 86 11.42 17.84 14.04
C ASP A 86 10.31 17.81 13.00
N GLY A 87 10.54 18.47 11.87
CA GLY A 87 9.76 18.18 10.67
C GLY A 87 9.94 16.73 10.28
N LEU A 88 9.15 16.30 9.29
CA LEU A 88 9.06 14.88 8.96
C LEU A 88 10.41 14.31 8.53
N ALA A 89 11.19 15.08 7.76
CA ALA A 89 12.39 14.53 7.16
C ALA A 89 13.57 14.44 8.13
N THR A 90 13.57 15.25 9.19
CA THR A 90 14.71 15.29 10.11
C THR A 90 14.35 14.83 11.51
N SER A 91 13.27 14.08 11.65
CA SER A 91 12.85 13.54 12.94
CA SER A 91 12.85 13.54 12.94
C SER A 91 13.06 12.03 12.97
N TRP A 92 13.33 11.51 14.17
CA TRP A 92 13.45 10.08 14.35
C TRP A 92 12.06 9.44 14.37
N THR A 93 12.00 8.17 13.95
CA THR A 93 10.73 7.47 13.88
C THR A 93 10.06 7.40 15.25
N HIS A 94 10.86 7.32 16.32
CA HIS A 94 10.34 7.17 17.67
C HIS A 94 9.97 8.51 18.31
N GLU A 95 10.15 9.62 17.62
CA GLU A 95 9.74 10.91 18.17
C GLU A 95 8.24 11.09 17.98
N LYS A 96 7.57 11.54 19.04
CA LYS A 96 6.11 11.70 18.99
C LYS A 96 5.68 12.54 17.80
N ASN A 97 6.42 13.61 17.49
CA ASN A 97 6.02 14.47 16.39
C ASN A 97 6.18 13.82 15.02
N TRP A 98 6.96 12.74 14.88
CA TRP A 98 7.03 12.11 13.56
C TRP A 98 5.72 11.41 13.21
N LYS A 99 5.29 10.47 14.06
CA LYS A 99 4.08 9.71 13.75
C LYS A 99 2.87 10.61 13.69
N LYS A 100 2.83 11.62 14.57
CA LYS A 100 1.74 12.59 14.59
C LYS A 100 1.63 13.34 13.27
N ALA A 101 2.72 13.97 12.81
CA ALA A 101 2.68 14.68 11.53
C ALA A 101 2.47 13.72 10.36
N HIS A 102 3.04 12.51 10.45
CA HIS A 102 2.84 11.51 9.41
C HIS A 102 1.36 11.19 9.24
N ASN A 103 0.68 10.86 10.34
CA ASN A 103 -0.75 10.55 10.26
C ASN A 103 -1.57 11.73 9.75
N ILE A 104 -1.24 12.95 10.17
CA ILE A 104 -1.98 14.14 9.75
C ILE A 104 -1.73 14.46 8.28
N LEU A 105 -0.48 14.37 7.83
CA LEU A 105 -0.14 14.89 6.50
C LEU A 105 -0.33 13.89 5.37
N LEU A 106 -0.38 12.60 5.69
CA LEU A 106 -0.51 11.58 4.65
C LEU A 106 -1.74 11.79 3.75
N PRO A 107 -2.94 12.08 4.27
CA PRO A 107 -4.06 12.32 3.35
C PRO A 107 -3.89 13.56 2.47
N SER A 108 -3.13 14.56 2.91
CA SER A 108 -2.95 15.75 2.11
C SER A 108 -1.83 15.60 1.09
N PHE A 109 -1.17 14.44 1.03
CA PHE A 109 -0.15 14.17 0.03
C PHE A 109 -0.53 13.01 -0.87
N SER A 110 -1.77 12.52 -0.76
CA SER A 110 -2.19 11.36 -1.52
C SER A 110 -2.37 11.73 -2.99
N GLN A 111 -2.45 10.69 -3.82
CA GLN A 111 -2.80 10.89 -5.22
C GLN A 111 -4.12 11.63 -5.35
N GLN A 112 -5.09 11.31 -4.48
CA GLN A 112 -6.35 12.03 -4.49
C GLN A 112 -6.18 13.51 -4.14
N ALA A 113 -5.24 13.83 -3.25
CA ALA A 113 -5.06 15.23 -2.88
C ALA A 113 -4.44 16.05 -3.99
N MET A 114 -3.79 15.39 -4.95
CA MET A 114 -3.21 16.13 -6.07
C MET A 114 -4.27 16.80 -6.93
N LYS A 115 -5.48 16.25 -6.94
CA LYS A 115 -6.58 16.91 -7.65
C LYS A 115 -6.79 18.32 -7.14
N GLY A 116 -6.66 18.53 -5.82
CA GLY A 116 -6.85 19.84 -5.24
C GLY A 116 -5.69 20.80 -5.43
N TYR A 117 -4.46 20.27 -5.58
CA TYR A 117 -3.31 21.12 -5.84
C TYR A 117 -3.14 21.43 -7.30
N HIS A 118 -3.85 20.74 -8.19
CA HIS A 118 -3.56 20.79 -9.62
C HIS A 118 -3.67 22.21 -10.16
N ALA A 119 -4.69 22.96 -9.74
CA ALA A 119 -4.89 24.30 -10.27
C ALA A 119 -3.71 25.20 -9.95
N MET A 120 -3.18 25.13 -8.73
CA MET A 120 -2.04 25.97 -8.38
C MET A 120 -0.77 25.52 -9.11
N MET A 121 -0.60 24.21 -9.31
CA MET A 121 0.53 23.75 -10.10
C MET A 121 0.47 24.29 -11.52
N VAL A 122 -0.72 24.28 -12.12
CA VAL A 122 -0.87 24.80 -13.48
C VAL A 122 -0.55 26.29 -13.51
N ASP A 123 -0.95 27.03 -12.47
CA ASP A 123 -0.66 28.46 -12.40
C ASP A 123 0.83 28.74 -12.61
N ILE A 124 1.70 28.02 -11.89
CA ILE A 124 3.14 28.24 -12.03
C ILE A 124 3.65 27.68 -13.35
N ALA A 125 3.13 26.51 -13.77
CA ALA A 125 3.58 25.92 -15.02
C ALA A 125 3.31 26.85 -16.20
N VAL A 126 2.16 27.53 -16.18
CA VAL A 126 1.85 28.49 -17.25
C VAL A 126 2.83 29.67 -17.23
N GLN A 127 3.23 30.11 -16.03
CA GLN A 127 4.24 31.18 -15.96
C GLN A 127 5.56 30.75 -16.59
N LEU A 128 5.98 29.50 -16.36
CA LEU A 128 7.19 28.99 -17.01
C LEU A 128 7.05 28.96 -18.53
N VAL A 129 5.94 28.41 -19.02
CA VAL A 129 5.70 28.35 -20.46
C VAL A 129 5.67 29.75 -21.06
N GLN A 130 5.01 30.70 -20.39
CA GLN A 130 4.95 32.06 -20.93
C GLN A 130 6.33 32.72 -20.92
N LYS A 131 7.14 32.45 -19.89
CA LYS A 131 8.50 32.98 -19.91
C LYS A 131 9.24 32.54 -21.17
N TRP A 132 9.14 31.24 -21.50
CA TRP A 132 9.88 30.74 -22.65
C TRP A 132 9.25 31.20 -23.96
N GLU A 133 7.93 31.34 -24.00
CA GLU A 133 7.28 31.89 -25.20
C GLU A 133 7.73 33.30 -25.48
N ARG A 134 8.12 34.05 -24.45
CA ARG A 134 8.46 35.47 -24.60
C ARG A 134 9.95 35.71 -24.78
N LEU A 135 10.75 34.65 -24.88
CA LEU A 135 12.16 34.83 -25.17
C LEU A 135 12.32 35.31 -26.62
N ASN A 136 13.37 36.09 -26.84
CA ASN A 136 13.71 36.54 -28.18
C ASN A 136 14.52 35.48 -28.90
N ALA A 137 14.61 35.61 -30.23
CA ALA A 137 15.41 34.69 -31.02
C ALA A 137 16.84 34.66 -30.50
N ASP A 138 17.43 33.47 -30.49
CA ASP A 138 18.83 33.23 -30.10
C ASP A 138 19.08 33.48 -28.61
N GLU A 139 18.05 33.84 -27.84
CA GLU A 139 18.18 33.69 -26.40
C GLU A 139 18.03 32.22 -26.04
N HIS A 140 18.53 31.87 -24.85
CA HIS A 140 18.49 30.48 -24.42
C HIS A 140 17.91 30.39 -23.02
N ILE A 141 17.76 29.16 -22.56
CA ILE A 141 17.13 28.84 -21.28
C ILE A 141 18.18 28.26 -20.34
N GLU A 142 18.24 28.80 -19.13
CA GLU A 142 19.07 28.22 -18.07
C GLU A 142 18.15 27.24 -17.35
N VAL A 143 18.34 25.94 -17.63
CA VAL A 143 17.34 24.93 -17.29
C VAL A 143 17.20 24.72 -15.79
N PRO A 144 18.26 24.37 -15.03
CA PRO A 144 18.06 24.18 -13.58
C PRO A 144 17.61 25.45 -12.89
N GLU A 145 18.05 26.61 -13.37
CA GLU A 145 17.62 27.87 -12.80
C GLU A 145 16.11 28.06 -12.95
N ASP A 146 15.57 27.81 -14.16
CA ASP A 146 14.13 27.96 -14.35
C ASP A 146 13.33 26.85 -13.68
N MET A 147 13.84 25.62 -13.68
CA MET A 147 13.13 24.55 -12.97
C MET A 147 13.00 24.84 -11.49
N THR A 148 14.04 25.42 -10.89
CA THR A 148 14.01 25.77 -9.48
C THR A 148 13.03 26.89 -9.21
N ARG A 149 12.97 27.90 -10.10
CA ARG A 149 11.93 28.92 -10.01
C ARG A 149 10.56 28.26 -9.94
N LEU A 150 10.32 27.25 -10.78
CA LEU A 150 9.00 26.65 -10.84
C LEU A 150 8.69 25.84 -9.58
N THR A 151 9.59 24.92 -9.19
CA THR A 151 9.27 24.02 -8.08
C THR A 151 9.15 24.78 -6.77
N LEU A 152 10.00 25.80 -6.62
CA LEU A 152 10.00 26.66 -5.40
C LEU A 152 8.67 27.40 -5.31
N ASP A 153 8.20 27.98 -6.42
CA ASP A 153 6.93 28.69 -6.42
C ASP A 153 5.75 27.75 -6.28
N THR A 154 5.86 26.54 -6.84
CA THR A 154 4.76 25.59 -6.72
C THR A 154 4.58 25.15 -5.28
N ILE A 155 5.67 24.90 -4.57
CA ILE A 155 5.61 24.47 -3.15
C ILE A 155 5.13 25.63 -2.28
N GLY A 156 5.60 26.83 -2.58
CA GLY A 156 5.13 27.97 -1.82
C GLY A 156 3.63 28.15 -1.94
N LEU A 157 3.11 27.99 -3.15
CA LEU A 157 1.68 28.21 -3.40
C LEU A 157 0.84 27.06 -2.86
N CYS A 158 1.26 25.82 -3.13
CA CYS A 158 0.51 24.67 -2.62
C CYS A 158 0.75 24.46 -1.13
N GLY A 159 1.91 24.83 -0.63
CA GLY A 159 2.22 24.64 0.77
C GLY A 159 1.52 25.60 1.70
N PHE A 160 1.55 26.90 1.39
CA PHE A 160 0.92 27.88 2.28
C PHE A 160 0.43 29.12 1.55
N ASN A 161 -0.02 28.96 0.30
CA ASN A 161 -0.65 30.03 -0.47
C ASN A 161 0.22 31.29 -0.53
N TYR A 162 1.52 31.11 -0.69
CA TYR A 162 2.44 32.23 -0.72
C TYR A 162 3.15 32.25 -2.06
N ARG A 163 3.23 33.43 -2.67
CA ARG A 163 3.82 33.59 -4.00
C ARG A 163 5.22 34.18 -3.83
N PHE A 164 6.24 33.32 -4.00
CA PHE A 164 7.60 33.82 -4.07
C PHE A 164 7.84 34.65 -5.33
N ASN A 165 7.00 34.48 -6.35
CA ASN A 165 7.07 35.27 -7.60
C ASN A 165 8.46 35.17 -8.22
N SER A 166 8.98 33.94 -8.28
CA SER A 166 10.35 33.73 -8.72
C SER A 166 10.55 34.14 -10.18
N PHE A 167 9.50 34.07 -11.01
CA PHE A 167 9.65 34.46 -12.40
C PHE A 167 9.59 35.96 -12.61
N TYR A 168 9.48 36.74 -11.54
CA TYR A 168 9.57 38.19 -11.60
C TYR A 168 10.91 38.69 -11.10
N ARG A 169 11.87 37.79 -10.85
CA ARG A 169 13.04 38.17 -10.06
C ARG A 169 14.30 37.59 -10.67
N ASP A 170 15.39 38.34 -10.52
CA ASP A 170 16.75 37.84 -10.66
C ASP A 170 17.25 37.33 -9.32
N GLN A 171 17.21 38.20 -8.31
CA GLN A 171 17.61 37.83 -6.95
C GLN A 171 16.46 37.13 -6.23
N PRO A 172 16.67 35.93 -5.70
CA PRO A 172 15.56 35.19 -5.10
C PRO A 172 15.00 35.90 -3.87
N HIS A 173 13.80 35.48 -3.51
CA HIS A 173 13.13 35.96 -2.30
C HIS A 173 14.06 35.81 -1.10
N PRO A 174 14.08 36.79 -0.18
CA PRO A 174 14.98 36.69 0.98
C PRO A 174 14.91 35.37 1.74
N PHE A 175 13.74 34.74 1.84
CA PHE A 175 13.66 33.43 2.50
C PHE A 175 14.52 32.41 1.78
N ILE A 176 14.47 32.40 0.44
CA ILE A 176 15.21 31.42 -0.33
C ILE A 176 16.71 31.63 -0.19
N THR A 177 17.14 32.90 -0.18
CA THR A 177 18.55 33.20 0.01
C THR A 177 19.06 32.64 1.33
N SER A 178 18.28 32.81 2.40
CA SER A 178 18.68 32.24 3.69
C SER A 178 18.58 30.73 3.70
N MET A 179 17.54 30.16 3.07
CA MET A 179 17.42 28.71 3.02
C MET A 179 18.60 28.08 2.26
N VAL A 180 18.89 28.60 1.06
CA VAL A 180 20.00 28.07 0.28
C VAL A 180 21.30 28.20 1.05
N ARG A 181 21.51 29.36 1.69
CA ARG A 181 22.75 29.57 2.43
C ARG A 181 22.81 28.68 3.68
N ALA A 182 21.66 28.35 4.27
CA ALA A 182 21.64 27.41 5.38
C ALA A 182 22.00 25.99 4.92
N LEU A 183 21.43 25.55 3.80
CA LEU A 183 21.80 24.26 3.22
C LEU A 183 23.28 24.21 2.85
N ASP A 184 23.81 25.30 2.31
CA ASP A 184 25.22 25.35 1.95
C ASP A 184 26.10 25.17 3.18
N GLU A 185 25.75 25.85 4.28
CA GLU A 185 26.50 25.70 5.52
C GLU A 185 26.40 24.28 6.06
N ALA A 186 25.22 23.66 5.97
CA ALA A 186 25.07 22.28 6.42
C ALA A 186 26.03 21.35 5.69
N MET A 187 26.11 21.49 4.36
CA MET A 187 26.99 20.62 3.59
C MET A 187 28.46 20.93 3.88
N ASN A 188 28.83 22.21 3.98
CA ASN A 188 30.23 22.55 4.22
C ASN A 188 30.71 22.00 5.57
N LYS A 189 29.83 21.97 6.57
CA LYS A 189 30.22 21.41 7.86
C LYS A 189 30.65 19.96 7.74
N LEU A 190 30.08 19.21 6.79
CA LEU A 190 30.41 17.80 6.65
C LEU A 190 31.87 17.61 6.26
N GLN A 191 32.43 18.55 5.50
CA GLN A 191 33.74 18.43 4.90
C GLN A 191 34.85 19.09 5.71
N ARG A 192 34.52 19.77 6.80
CA ARG A 192 35.52 20.51 7.56
C ARG A 192 36.42 19.58 8.39
N TYR A 200 35.64 30.03 11.54
CA TYR A 200 34.27 29.76 11.12
C TYR A 200 33.25 30.53 11.95
N ASP A 201 33.73 31.45 12.80
CA ASP A 201 32.83 32.20 13.66
C ASP A 201 31.85 33.04 12.87
N GLU A 202 32.23 33.46 11.66
CA GLU A 202 31.29 34.25 10.87
C GLU A 202 30.25 33.35 10.21
N ASN A 203 30.67 32.16 9.76
CA ASN A 203 29.72 31.17 9.27
C ASN A 203 28.63 30.89 10.29
N LYS A 204 29.01 30.76 11.57
CA LYS A 204 28.03 30.45 12.62
C LYS A 204 27.06 31.61 12.81
N ARG A 205 27.58 32.84 12.90
CA ARG A 205 26.70 34.00 13.04
C ARG A 205 25.76 34.12 11.86
N GLN A 206 26.26 33.84 10.64
CA GLN A 206 25.41 33.87 9.46
C GLN A 206 24.38 32.76 9.49
N PHE A 207 24.78 31.57 9.93
CA PHE A 207 23.85 30.43 10.00
C PHE A 207 22.68 30.74 10.92
N GLN A 208 22.94 31.42 12.04
CA GLN A 208 21.86 31.77 12.96
C GLN A 208 20.97 32.88 12.42
N GLU A 209 21.55 33.82 11.65
CA GLU A 209 20.75 34.86 11.01
C GLU A 209 19.78 34.26 9.98
N ASP A 210 20.25 33.28 9.19
CA ASP A 210 19.41 32.68 8.16
C ASP A 210 18.28 31.86 8.76
N ILE A 211 18.55 31.18 9.89
CA ILE A 211 17.47 30.48 10.60
C ILE A 211 16.40 31.48 11.02
N LYS A 212 16.84 32.64 11.54
CA LYS A 212 15.89 33.64 12.02
C LYS A 212 15.02 34.17 10.90
N VAL A 213 15.60 34.38 9.72
CA VAL A 213 14.82 34.80 8.56
C VAL A 213 13.75 33.77 8.23
N MET A 214 14.13 32.49 8.24
CA MET A 214 13.18 31.43 7.88
C MET A 214 12.06 31.33 8.91
N ASN A 215 12.41 31.27 10.19
CA ASN A 215 11.39 31.17 11.23
C ASN A 215 10.44 32.36 11.19
N ASP A 216 10.97 33.57 11.08
CA ASP A 216 10.12 34.77 11.14
C ASP A 216 9.07 34.79 10.04
N LEU A 217 9.49 34.59 8.79
CA LEU A 217 8.53 34.65 7.70
C LEU A 217 7.50 33.54 7.84
N VAL A 218 7.94 32.32 8.14
CA VAL A 218 7.00 31.21 8.25
C VAL A 218 6.09 31.39 9.47
N ASP A 219 6.65 31.79 10.61
CA ASP A 219 5.80 32.04 11.77
C ASP A 219 4.82 33.17 11.48
N LYS A 220 5.23 34.17 10.69
CA LYS A 220 4.33 35.26 10.34
C LYS A 220 3.17 34.78 9.47
N ILE A 221 3.46 33.94 8.47
CA ILE A 221 2.39 33.43 7.61
C ILE A 221 1.43 32.57 8.42
N ILE A 222 1.94 31.75 9.34
CA ILE A 222 1.06 30.96 10.19
C ILE A 222 0.17 31.87 11.03
N ALA A 223 0.78 32.86 11.70
CA ALA A 223 -0.01 33.79 12.51
C ALA A 223 -1.01 34.56 11.65
N ASP A 224 -0.56 35.08 10.50
CA ASP A 224 -1.45 35.78 9.58
C ASP A 224 -2.64 34.89 9.19
N ARG A 225 -2.37 33.63 8.89
CA ARG A 225 -3.44 32.73 8.50
C ARG A 225 -4.39 32.46 9.67
N LYS A 226 -3.85 32.31 10.88
CA LYS A 226 -4.70 32.11 12.05
C LYS A 226 -5.60 33.32 12.28
N ALA A 227 -5.03 34.53 12.17
CA ALA A 227 -5.81 35.74 12.38
C ALA A 227 -6.91 35.90 11.34
N SER A 228 -6.63 35.52 10.08
CA SER A 228 -7.61 35.74 9.02
C SER A 228 -8.77 34.76 9.10
N GLY A 229 -8.52 33.54 9.58
CA GLY A 229 -9.53 32.50 9.54
C GLY A 229 -9.84 32.00 8.15
N GLU A 230 -9.13 32.48 7.13
CA GLU A 230 -9.43 32.10 5.76
C GLU A 230 -8.95 30.68 5.47
N GLN A 231 -9.66 30.00 4.58
CA GLN A 231 -9.37 28.63 4.21
C GLN A 231 -8.87 28.59 2.78
N SER A 232 -7.74 27.93 2.56
CA SER A 232 -7.21 27.72 1.22
C SER A 232 -7.13 26.23 0.95
N ASP A 233 -6.72 25.90 -0.27
CA ASP A 233 -6.49 24.50 -0.65
C ASP A 233 -5.04 24.13 -0.44
N ASP A 234 -4.41 24.60 0.63
CA ASP A 234 -2.99 24.43 0.83
C ASP A 234 -2.71 23.54 2.06
N LEU A 235 -1.45 23.11 2.15
CA LEU A 235 -1.03 22.26 3.25
C LEU A 235 -1.14 22.97 4.59
N LEU A 236 -1.00 24.30 4.61
CA LEU A 236 -1.09 25.02 5.88
C LEU A 236 -2.49 24.90 6.49
N THR A 237 -3.53 25.04 5.66
CA THR A 237 -4.90 24.89 6.17
C THR A 237 -5.12 23.50 6.75
N HIS A 238 -4.65 22.46 6.04
CA HIS A 238 -4.78 21.10 6.56
C HIS A 238 -4.07 20.94 7.90
N MET A 239 -2.90 21.56 8.05
CA MET A 239 -2.16 21.40 9.30
C MET A 239 -2.81 22.19 10.44
N LEU A 240 -3.45 23.32 10.13
CA LEU A 240 -4.12 24.08 11.17
C LEU A 240 -5.40 23.41 11.64
N ASN A 241 -6.02 22.60 10.80
CA ASN A 241 -7.31 21.99 11.10
C ASN A 241 -7.22 20.50 11.38
N GLY A 242 -6.10 19.86 11.05
CA GLY A 242 -6.02 18.42 11.16
C GLY A 242 -5.73 17.96 12.58
N LYS A 243 -6.20 16.77 12.88
CA LYS A 243 -5.91 16.13 14.17
C LYS A 243 -5.41 14.72 13.87
N ASP A 244 -4.31 14.36 14.51
CA ASP A 244 -3.80 12.99 14.43
C ASP A 244 -4.85 12.04 14.97
N PRO A 245 -5.34 11.09 14.18
CA PRO A 245 -6.34 10.15 14.70
C PRO A 245 -5.86 9.35 15.91
N GLU A 246 -4.55 9.09 16.00
CA GLU A 246 -4.04 8.26 17.09
C GLU A 246 -4.06 8.99 18.42
N THR A 247 -3.27 10.07 18.56
CA THR A 247 -3.26 10.80 19.81
C THR A 247 -4.47 11.73 19.96
N GLY A 248 -5.19 12.00 18.88
CA GLY A 248 -6.24 13.00 18.89
C GLY A 248 -5.76 14.44 18.90
N GLU A 249 -4.41 14.68 18.82
CA GLU A 249 -3.80 15.99 18.92
C GLU A 249 -3.53 16.61 17.56
N PRO A 250 -3.60 17.93 17.45
CA PRO A 250 -3.08 18.63 16.27
C PRO A 250 -1.60 18.92 16.43
N LEU A 251 -0.99 19.29 15.31
CA LEU A 251 0.37 19.81 15.36
C LEU A 251 0.37 21.19 16.00
N ASP A 252 1.36 21.47 16.84
CA ASP A 252 1.48 22.83 17.34
C ASP A 252 2.13 23.73 16.29
N ASP A 253 2.05 25.04 16.54
CA ASP A 253 2.49 26.02 15.55
C ASP A 253 3.97 25.91 15.24
N GLU A 254 4.80 25.55 16.23
CA GLU A 254 6.22 25.44 15.96
C GLU A 254 6.49 24.29 14.98
N ASN A 255 5.85 23.15 15.20
CA ASN A 255 6.06 22.03 14.28
C ASN A 255 5.47 22.33 12.90
N ILE A 256 4.35 23.03 12.83
CA ILE A 256 3.80 23.41 11.52
C ILE A 256 4.83 24.25 10.76
N ARG A 257 5.54 25.12 11.47
CA ARG A 257 6.61 25.88 10.83
C ARG A 257 7.69 24.95 10.29
N TYR A 258 8.12 23.99 11.11
CA TYR A 258 9.17 23.07 10.66
C TYR A 258 8.73 22.25 9.45
N GLN A 259 7.45 21.86 9.40
CA GLN A 259 6.97 21.13 8.23
C GLN A 259 7.04 22.00 6.97
N ILE A 260 6.63 23.26 7.07
CA ILE A 260 6.65 24.14 5.90
C ILE A 260 8.08 24.34 5.41
N ILE A 261 9.00 24.62 6.33
CA ILE A 261 10.41 24.72 5.97
C ILE A 261 10.90 23.42 5.36
N THR A 262 10.45 22.28 5.91
CA THR A 262 10.82 20.98 5.37
C THR A 262 10.34 20.79 3.95
N PHE A 263 9.08 21.16 3.67
CA PHE A 263 8.54 21.04 2.31
C PHE A 263 9.37 21.86 1.33
N LEU A 264 9.74 23.08 1.71
CA LEU A 264 10.55 23.92 0.84
C LEU A 264 11.94 23.30 0.62
N ILE A 265 12.55 22.78 1.69
CA ILE A 265 13.86 22.14 1.54
C ILE A 265 13.75 20.84 0.75
N ALA A 266 12.97 19.90 1.28
CA ALA A 266 12.96 18.54 0.78
C ALA A 266 12.40 18.46 -0.64
N GLY A 267 11.54 19.40 -1.01
CA GLY A 267 10.84 19.29 -2.27
C GLY A 267 11.38 20.05 -3.46
N HIS A 268 11.89 21.25 -3.22
CA HIS A 268 12.13 22.18 -4.32
C HIS A 268 13.33 21.76 -5.17
N GLU A 269 14.47 21.42 -4.55
CA GLU A 269 15.69 21.18 -5.32
C GLU A 269 15.73 19.75 -5.87
N THR A 270 15.20 18.80 -5.11
CA THR A 270 15.08 17.43 -5.62
C THR A 270 14.21 17.40 -6.86
N THR A 271 13.06 18.09 -6.81
CA THR A 271 12.12 18.06 -7.93
C THR A 271 12.66 18.85 -9.12
N SER A 272 13.30 19.99 -8.88
CA SER A 272 13.84 20.75 -10.01
C SER A 272 15.02 20.02 -10.64
N GLY A 273 15.85 19.36 -9.83
CA GLY A 273 16.87 18.47 -10.37
C GLY A 273 16.28 17.37 -11.24
N LEU A 274 15.18 16.76 -10.81
CA LEU A 274 14.52 15.73 -11.63
C LEU A 274 14.11 16.29 -12.99
N LEU A 275 13.45 17.45 -13.00
CA LEU A 275 13.06 18.05 -14.28
C LEU A 275 14.28 18.38 -15.12
N SER A 276 15.34 18.88 -14.49
CA SER A 276 16.54 19.25 -15.25
C SER A 276 17.20 18.03 -15.86
N PHE A 277 17.38 16.96 -15.06
CA PHE A 277 17.97 15.74 -15.60
C PHE A 277 17.09 15.13 -16.67
N ALA A 278 15.77 15.14 -16.47
CA ALA A 278 14.86 14.59 -17.48
C ALA A 278 15.02 15.30 -18.82
N LEU A 279 15.02 16.64 -18.81
CA LEU A 279 15.20 17.37 -20.06
C LEU A 279 16.58 17.13 -20.66
N TYR A 280 17.61 17.06 -19.81
CA TYR A 280 18.94 16.69 -20.29
C TYR A 280 18.92 15.36 -21.04
N PHE A 281 18.40 14.32 -20.40
CA PHE A 281 18.38 13.01 -21.05
C PHE A 281 17.51 13.03 -22.30
N LEU A 282 16.42 13.79 -22.29
CA LEU A 282 15.59 13.87 -23.49
C LEU A 282 16.34 14.50 -24.67
N VAL A 283 17.00 15.64 -24.45
CA VAL A 283 17.68 16.25 -25.60
C VAL A 283 18.90 15.45 -26.01
N LYS A 284 19.46 14.62 -25.12
CA LYS A 284 20.54 13.73 -25.50
C LYS A 284 20.07 12.44 -26.16
N ASN A 285 18.76 12.19 -26.18
CA ASN A 285 18.19 10.96 -26.74
C ASN A 285 16.98 11.33 -27.60
N PRO A 286 17.22 11.85 -28.80
CA PRO A 286 16.13 12.40 -29.62
C PRO A 286 15.00 11.42 -29.96
N HIS A 287 15.27 10.13 -30.03
CA HIS A 287 14.17 9.19 -30.28
C HIS A 287 13.24 9.14 -29.08
N VAL A 288 13.80 9.19 -27.87
CA VAL A 288 12.99 9.20 -26.66
C VAL A 288 12.23 10.51 -26.56
N LEU A 289 12.90 11.63 -26.86
CA LEU A 289 12.22 12.92 -26.85
C LEU A 289 11.03 12.92 -27.79
N GLN A 290 11.22 12.40 -29.01
CA GLN A 290 10.13 12.39 -29.98
C GLN A 290 8.95 11.58 -29.46
N LYS A 291 9.22 10.42 -28.87
CA LYS A 291 8.16 9.59 -28.30
C LYS A 291 7.42 10.33 -27.20
N ALA A 292 8.16 10.99 -26.30
CA ALA A 292 7.53 11.74 -25.22
C ALA A 292 6.73 12.92 -25.78
N ALA A 293 7.27 13.59 -26.79
CA ALA A 293 6.57 14.72 -27.39
C ALA A 293 5.29 14.27 -28.10
N GLU A 294 5.32 13.10 -28.73
CA GLU A 294 4.12 12.53 -29.40
C GLU A 294 3.03 12.28 -28.35
N GLU A 295 3.38 11.74 -27.20
CA GLU A 295 2.40 11.52 -26.14
C GLU A 295 1.82 12.84 -25.65
N ALA A 296 2.66 13.84 -25.45
CA ALA A 296 2.18 15.13 -24.95
C ALA A 296 1.16 15.73 -25.91
N ALA A 297 1.44 15.69 -27.22
CA ALA A 297 0.53 16.27 -28.19
C ALA A 297 -0.77 15.46 -28.28
N ARG A 298 -0.69 14.14 -28.18
CA ARG A 298 -1.89 13.32 -28.26
C ARG A 298 -2.76 13.48 -27.01
N VAL A 299 -2.14 13.63 -25.84
CA VAL A 299 -2.87 13.63 -24.58
C VAL A 299 -3.35 15.02 -24.19
N LEU A 300 -2.50 16.04 -24.33
CA LEU A 300 -2.82 17.39 -23.84
C LEU A 300 -3.58 18.19 -24.91
N VAL A 301 -4.84 17.81 -25.10
CA VAL A 301 -5.65 18.38 -26.18
C VAL A 301 -6.32 19.69 -25.80
N ASP A 302 -6.21 20.13 -24.56
CA ASP A 302 -6.82 21.36 -24.09
C ASP A 302 -5.76 22.42 -23.81
N PRO A 303 -6.12 23.71 -23.81
CA PRO A 303 -5.11 24.75 -23.57
C PRO A 303 -4.45 24.61 -22.21
N VAL A 304 -5.18 24.06 -21.24
CA VAL A 304 -4.69 23.81 -19.89
C VAL A 304 -4.79 22.32 -19.64
N PRO A 305 -3.74 21.65 -19.18
CA PRO A 305 -3.88 20.24 -18.82
C PRO A 305 -4.80 20.07 -17.63
N SER A 306 -5.58 19.01 -17.66
CA SER A 306 -6.39 18.62 -16.52
C SER A 306 -5.63 17.62 -15.67
N TYR A 307 -6.10 17.41 -14.44
CA TYR A 307 -5.51 16.37 -13.59
C TYR A 307 -5.55 15.02 -14.29
N LYS A 308 -6.71 14.69 -14.90
CA LYS A 308 -6.87 13.38 -15.51
C LYS A 308 -5.90 13.21 -16.69
N GLN A 309 -5.65 14.29 -17.44
CA GLN A 309 -4.72 14.22 -18.56
C GLN A 309 -3.29 13.94 -18.08
N VAL A 310 -2.89 14.53 -16.96
CA VAL A 310 -1.53 14.29 -16.45
C VAL A 310 -1.35 12.81 -16.12
N LYS A 311 -2.39 12.18 -15.56
CA LYS A 311 -2.32 10.75 -15.26
C LYS A 311 -2.18 9.92 -16.53
N GLN A 312 -2.63 10.44 -17.67
CA GLN A 312 -2.52 9.74 -18.94
C GLN A 312 -1.15 9.86 -19.59
N LEU A 313 -0.28 10.73 -19.06
CA LEU A 313 1.06 10.91 -19.63
C LEU A 313 1.97 9.79 -19.12
N LYS A 314 1.69 8.58 -19.58
CA LYS A 314 2.39 7.38 -19.10
C LYS A 314 3.86 7.38 -19.48
N TYR A 315 4.14 7.67 -20.73
CA TYR A 315 5.55 7.63 -21.15
C TYR A 315 6.34 8.77 -20.51
N VAL A 316 5.72 9.93 -20.31
CA VAL A 316 6.40 10.99 -19.58
C VAL A 316 6.75 10.52 -18.17
N GLY A 317 5.83 9.79 -17.53
CA GLY A 317 6.13 9.25 -16.21
C GLY A 317 7.29 8.27 -16.24
N MET A 318 7.36 7.45 -17.30
CA MET A 318 8.49 6.54 -17.43
C MET A 318 9.78 7.31 -17.67
N VAL A 319 9.73 8.39 -18.46
CA VAL A 319 10.88 9.27 -18.62
C VAL A 319 11.37 9.75 -17.26
N LEU A 320 10.44 10.20 -16.41
CA LEU A 320 10.84 10.71 -15.10
C LEU A 320 11.44 9.61 -14.23
N ASN A 321 10.87 8.41 -14.27
CA ASN A 321 11.43 7.32 -13.47
C ASN A 321 12.83 6.94 -13.95
N GLU A 322 13.07 6.95 -15.27
CA GLU A 322 14.39 6.60 -15.78
C GLU A 322 15.40 7.71 -15.46
N ALA A 323 14.96 8.96 -15.41
CA ALA A 323 15.85 10.02 -14.94
C ALA A 323 16.18 9.87 -13.47
N LEU A 324 15.19 9.47 -12.66
CA LEU A 324 15.43 9.15 -11.26
C LEU A 324 16.32 7.92 -11.09
N ARG A 325 16.24 6.97 -12.03
CA ARG A 325 17.14 5.81 -11.92
C ARG A 325 18.58 6.26 -12.06
N LEU A 326 18.88 7.04 -13.10
CA LEU A 326 20.28 7.38 -13.35
C LEU A 326 20.81 8.41 -12.34
N TRP A 327 20.02 9.45 -12.03
CA TRP A 327 20.48 10.49 -11.12
C TRP A 327 19.39 10.83 -10.11
N PRO A 328 19.15 9.94 -9.16
CA PRO A 328 18.22 10.26 -8.05
C PRO A 328 18.70 11.48 -7.28
N THR A 329 17.85 12.50 -7.22
CA THR A 329 18.29 13.81 -6.76
C THR A 329 18.36 13.94 -5.24
N ALA A 330 17.79 12.99 -4.49
CA ALA A 330 18.12 12.83 -3.08
C ALA A 330 18.97 11.57 -3.01
N PRO A 331 20.29 11.67 -3.15
CA PRO A 331 21.09 10.53 -3.60
C PRO A 331 21.40 9.48 -2.54
N ALA A 332 21.00 9.64 -1.28
CA ALA A 332 21.31 8.62 -0.29
C ALA A 332 20.32 8.70 0.86
N PHE A 333 20.19 7.59 1.58
CA PHE A 333 19.54 7.63 2.88
C PHE A 333 20.27 6.67 3.82
N SER A 334 19.99 6.83 5.11
CA SER A 334 20.75 6.19 6.17
C SER A 334 19.82 5.32 7.02
N LEU A 335 20.37 4.21 7.49
CA LEU A 335 19.63 3.25 8.28
C LEU A 335 20.49 2.82 9.46
N TYR A 336 19.84 2.31 10.50
CA TYR A 336 20.56 1.70 11.61
C TYR A 336 19.92 0.36 11.94
N ALA A 337 20.75 -0.57 12.41
CA ALA A 337 20.26 -1.89 12.77
C ALA A 337 19.50 -1.81 14.10
N LYS A 338 18.24 -2.27 14.09
CA LYS A 338 17.43 -2.26 15.30
C LYS A 338 17.95 -3.27 16.32
N GLU A 339 18.50 -4.39 15.85
CA GLU A 339 19.10 -5.40 16.71
C GLU A 339 20.32 -5.96 16.01
N ASP A 340 21.09 -6.78 16.73
CA ASP A 340 22.14 -7.57 16.07
C ASP A 340 21.53 -8.36 14.93
N THR A 341 22.19 -8.35 13.77
CA THR A 341 21.66 -9.03 12.61
C THR A 341 22.83 -9.28 11.66
N VAL A 342 22.61 -10.18 10.70
CA VAL A 342 23.63 -10.52 9.72
C VAL A 342 23.13 -10.07 8.35
N LEU A 343 23.93 -9.25 7.68
CA LEU A 343 23.59 -8.73 6.38
C LEU A 343 24.17 -9.62 5.29
N GLY A 344 23.32 -10.07 4.37
CA GLY A 344 23.79 -10.84 3.24
C GLY A 344 24.43 -12.16 3.60
N GLY A 345 24.18 -12.66 4.81
CA GLY A 345 24.76 -13.93 5.23
C GLY A 345 26.25 -13.89 5.49
N GLU A 346 26.89 -12.72 5.47
CA GLU A 346 28.33 -12.71 5.68
C GLU A 346 28.83 -11.46 6.40
N TYR A 347 27.97 -10.45 6.60
CA TYR A 347 28.40 -9.20 7.23
C TYR A 347 27.64 -9.03 8.54
N PRO A 348 28.20 -9.47 9.65
CA PRO A 348 27.52 -9.31 10.94
C PRO A 348 27.49 -7.85 11.38
N LEU A 349 26.33 -7.42 11.84
CA LEU A 349 26.12 -6.05 12.31
C LEU A 349 25.63 -6.08 13.75
N GLU A 350 26.12 -5.14 14.54
CA GLU A 350 25.65 -4.99 15.90
C GLU A 350 24.54 -3.94 15.98
N LYS A 351 23.69 -4.07 16.99
CA LYS A 351 22.60 -3.12 17.18
C LYS A 351 23.12 -1.69 17.14
N GLY A 352 22.43 -0.83 16.40
CA GLY A 352 22.86 0.53 16.24
C GLY A 352 23.84 0.78 15.10
N ASP A 353 24.40 -0.28 14.50
CA ASP A 353 25.32 -0.09 13.39
C ASP A 353 24.63 0.61 12.23
N GLU A 354 25.38 1.47 11.54
CA GLU A 354 24.82 2.35 10.54
C GLU A 354 25.08 1.85 9.12
N LEU A 355 24.12 2.13 8.24
CA LEU A 355 24.22 1.83 6.82
C LEU A 355 23.86 3.09 6.03
N MET A 356 24.55 3.28 4.89
CA MET A 356 24.16 4.28 3.90
C MET A 356 23.78 3.55 2.62
N VAL A 357 22.63 3.93 2.06
CA VAL A 357 22.19 3.39 0.79
C VAL A 357 22.60 4.38 -0.30
N LEU A 358 23.56 3.97 -1.13
CA LEU A 358 24.06 4.84 -2.21
C LEU A 358 23.16 4.62 -3.42
N ILE A 359 22.10 5.44 -3.53
CA ILE A 359 21.05 5.17 -4.51
C ILE A 359 21.55 5.14 -5.95
N PRO A 360 22.37 6.09 -6.42
CA PRO A 360 22.78 6.02 -7.83
C PRO A 360 23.52 4.75 -8.19
N GLN A 361 24.27 4.18 -7.23
CA GLN A 361 24.95 2.91 -7.47
C GLN A 361 23.98 1.74 -7.47
N LEU A 362 23.05 1.71 -6.51
CA LEU A 362 21.97 0.73 -6.54
C LEU A 362 21.31 0.68 -7.91
N HIS A 363 21.01 1.86 -8.47
CA HIS A 363 20.31 1.96 -9.73
C HIS A 363 21.18 1.61 -10.94
N ARG A 364 22.45 1.26 -10.72
CA ARG A 364 23.36 0.79 -11.77
C ARG A 364 23.75 -0.68 -11.59
N ASP A 365 23.03 -1.41 -10.74
CA ASP A 365 23.29 -2.83 -10.49
C ASP A 365 22.95 -3.63 -11.75
N LYS A 366 23.98 -4.08 -12.46
CA LYS A 366 23.76 -4.79 -13.72
C LYS A 366 23.01 -6.10 -13.54
N THR A 367 23.12 -6.73 -12.36
CA THR A 367 22.34 -7.95 -12.15
C THR A 367 20.84 -7.69 -12.16
N ILE A 368 20.43 -6.43 -12.06
CA ILE A 368 19.02 -6.06 -12.09
C ILE A 368 18.64 -5.48 -13.45
N TRP A 369 19.44 -4.54 -13.96
CA TRP A 369 19.03 -3.75 -15.11
C TRP A 369 19.65 -4.23 -16.42
N GLY A 370 20.56 -5.20 -16.38
CA GLY A 370 21.22 -5.65 -17.59
C GLY A 370 22.49 -4.85 -17.82
N ASP A 371 23.16 -5.17 -18.93
CA ASP A 371 24.47 -4.58 -19.17
C ASP A 371 24.38 -3.12 -19.58
N ASP A 372 23.25 -2.68 -20.14
CA ASP A 372 23.11 -1.31 -20.62
C ASP A 372 22.71 -0.31 -19.53
N VAL A 373 23.25 -0.45 -18.32
CA VAL A 373 22.73 0.33 -17.18
C VAL A 373 22.87 1.82 -17.41
N GLU A 374 23.84 2.25 -18.21
CA GLU A 374 24.08 3.67 -18.40
C GLU A 374 23.20 4.28 -19.48
N GLU A 375 22.47 3.48 -20.24
CA GLU A 375 21.64 4.00 -21.32
C GLU A 375 20.31 4.48 -20.77
N PHE A 376 19.78 5.54 -21.38
CA PHE A 376 18.51 6.14 -20.95
C PHE A 376 17.40 5.48 -21.75
N ARG A 377 16.66 4.56 -21.12
CA ARG A 377 15.57 3.83 -21.76
C ARG A 377 14.36 3.79 -20.85
N PRO A 378 13.45 4.75 -21.00
CA PRO A 378 12.26 4.76 -20.14
C PRO A 378 11.46 3.48 -20.21
N GLU A 379 11.61 2.71 -21.29
CA GLU A 379 10.87 1.46 -21.46
C GLU A 379 11.16 0.45 -20.36
N ARG A 380 12.24 0.64 -19.60
CA ARG A 380 12.56 -0.29 -18.49
C ARG A 380 11.45 -0.27 -17.45
N PHE A 381 10.64 0.78 -17.44
CA PHE A 381 9.58 0.98 -16.43
C PHE A 381 8.18 0.67 -16.97
N GLU A 382 8.07 -0.05 -18.06
CA GLU A 382 6.72 -0.35 -18.59
C GLU A 382 5.92 -1.16 -17.57
N ASN A 383 6.53 -2.10 -16.86
CA ASN A 383 5.79 -2.93 -15.89
C ASN A 383 6.50 -2.99 -14.54
N PRO A 384 5.96 -2.35 -13.50
CA PRO A 384 6.55 -2.40 -12.17
C PRO A 384 6.72 -3.81 -11.61
N SER A 385 5.84 -4.73 -11.99
CA SER A 385 5.95 -6.12 -11.52
C SER A 385 7.20 -6.78 -12.07
N ALA A 386 7.73 -6.32 -13.20
CA ALA A 386 8.94 -6.98 -13.68
C ALA A 386 10.20 -6.50 -12.98
N ILE A 387 10.09 -5.50 -12.10
CA ILE A 387 11.25 -4.91 -11.44
C ILE A 387 11.41 -5.59 -10.08
N PRO A 388 12.57 -6.19 -9.80
CA PRO A 388 12.74 -6.87 -8.52
C PRO A 388 12.54 -5.94 -7.34
N GLN A 389 12.22 -6.55 -6.20
CA GLN A 389 11.89 -5.81 -4.99
C GLN A 389 13.08 -4.99 -4.50
N HIS A 390 12.83 -3.71 -4.23
CA HIS A 390 13.82 -2.78 -3.66
C HIS A 390 14.97 -2.48 -4.63
N ALA A 391 14.76 -2.66 -5.94
CA ALA A 391 15.77 -2.28 -6.92
C ALA A 391 15.77 -0.79 -7.25
N PHE A 392 14.66 -0.10 -6.99
CA PHE A 392 14.44 1.27 -7.43
C PHE A 392 13.95 2.04 -6.21
N LYS A 393 14.82 2.89 -5.63
CA LYS A 393 14.49 3.56 -4.36
C LYS A 393 14.77 5.07 -4.40
N PRO A 394 14.33 5.78 -5.45
CA PRO A 394 14.60 7.23 -5.49
C PRO A 394 13.85 8.01 -4.41
N PHE A 395 12.81 7.42 -3.82
CA PHE A 395 12.00 8.08 -2.80
C PHE A 395 12.13 7.42 -1.43
N GLY A 396 13.21 6.69 -1.18
CA GLY A 396 13.42 6.11 0.13
C GLY A 396 12.60 4.84 0.30
N ASN A 397 12.33 4.50 1.57
CA ASN A 397 11.82 3.18 1.88
C ASN A 397 10.77 3.21 2.99
N GLY A 398 9.70 2.43 2.79
CA GLY A 398 8.77 2.08 3.85
C GLY A 398 8.05 3.28 4.43
N GLN A 399 7.78 3.21 5.73
CA GLN A 399 7.05 4.30 6.37
C GLN A 399 7.83 5.60 6.39
N ARG A 400 9.15 5.54 6.20
CA ARG A 400 9.98 6.74 6.10
C ARG A 400 10.26 7.11 4.65
N ALA A 401 9.48 6.59 3.71
CA ALA A 401 9.64 7.00 2.33
C ALA A 401 9.16 8.44 2.15
N CYS A 402 9.47 8.99 0.97
CA CYS A 402 9.12 10.37 0.65
C CYS A 402 7.61 10.57 0.71
N ILE A 403 7.16 11.43 1.62
CA ILE A 403 5.74 11.74 1.65
C ILE A 403 5.36 12.59 0.43
N GLY A 404 6.32 13.31 -0.18
CA GLY A 404 6.03 14.15 -1.32
C GLY A 404 6.08 13.49 -2.68
N GLN A 405 6.13 12.15 -2.73
CA GLN A 405 6.36 11.45 -3.99
C GLN A 405 5.29 11.77 -5.03
N GLN A 406 4.02 11.68 -4.64
CA GLN A 406 2.95 11.96 -5.60
C GLN A 406 2.94 13.42 -6.00
N PHE A 407 3.25 14.31 -5.07
CA PHE A 407 3.37 15.74 -5.39
C PHE A 407 4.47 15.97 -6.41
N ALA A 408 5.67 15.45 -6.13
CA ALA A 408 6.81 15.64 -7.01
C ALA A 408 6.53 15.10 -8.41
N LEU A 409 5.95 13.91 -8.50
CA LEU A 409 5.74 13.30 -9.81
C LEU A 409 4.59 13.96 -10.56
N HIS A 410 3.57 14.45 -9.85
CA HIS A 410 2.49 15.12 -10.54
C HIS A 410 2.98 16.44 -11.11
N GLU A 411 3.68 17.23 -10.29
CA GLU A 411 4.27 18.48 -10.77
C GLU A 411 5.19 18.23 -11.96
N ALA A 412 6.11 17.27 -11.83
CA ALA A 412 7.10 17.05 -12.88
C ALA A 412 6.44 16.51 -14.15
N THR A 413 5.45 15.65 -14.01
CA THR A 413 4.75 15.14 -15.20
C THR A 413 3.98 16.27 -15.89
N LEU A 414 3.26 17.08 -15.11
CA LEU A 414 2.53 18.20 -15.68
C LEU A 414 3.47 19.14 -16.43
N VAL A 415 4.56 19.53 -15.78
CA VAL A 415 5.43 20.57 -16.35
C VAL A 415 6.17 20.02 -17.56
N LEU A 416 6.74 18.81 -17.43
CA LEU A 416 7.42 18.21 -18.57
C LEU A 416 6.46 18.00 -19.73
N GLY A 417 5.23 17.56 -19.42
CA GLY A 417 4.24 17.39 -20.47
C GLY A 417 3.98 18.67 -21.24
N MET A 418 3.79 19.78 -20.50
CA MET A 418 3.52 21.06 -21.14
C MET A 418 4.73 21.54 -21.93
N MET A 419 5.93 21.36 -21.39
CA MET A 419 7.14 21.74 -22.12
C MET A 419 7.24 21.00 -23.44
N LEU A 420 6.97 19.69 -23.42
CA LEU A 420 7.05 18.90 -24.64
C LEU A 420 5.93 19.23 -25.61
N LYS A 421 4.77 19.66 -25.12
CA LYS A 421 3.69 20.08 -26.01
C LYS A 421 4.03 21.39 -26.70
N HIS A 422 4.63 22.34 -25.98
CA HIS A 422 4.70 23.70 -26.47
C HIS A 422 6.00 24.06 -27.19
N PHE A 423 7.07 23.25 -27.08
CA PHE A 423 8.35 23.65 -27.64
C PHE A 423 9.10 22.47 -28.22
N ASP A 424 9.89 22.77 -29.26
CA ASP A 424 11.00 21.92 -29.67
C ASP A 424 12.27 22.40 -29.00
N PHE A 425 13.12 21.48 -28.59
CA PHE A 425 14.31 21.83 -27.82
C PHE A 425 15.58 21.51 -28.60
N GLU A 426 16.57 22.39 -28.47
CA GLU A 426 17.87 22.20 -29.11
C GLU A 426 18.96 22.23 -28.06
N ASP A 427 19.80 21.20 -28.06
CA ASP A 427 21.03 21.16 -27.26
C ASP A 427 22.10 21.96 -28.03
N HIS A 428 21.93 23.28 -28.01
CA HIS A 428 22.70 24.12 -28.93
C HIS A 428 24.17 24.21 -28.58
N THR A 429 24.56 23.94 -27.33
CA THR A 429 25.97 23.96 -26.94
C THR A 429 26.60 22.57 -26.91
N ASN A 430 25.86 21.53 -27.29
CA ASN A 430 26.30 20.16 -27.07
C ASN A 430 26.81 20.01 -25.63
N TYR A 431 25.90 20.27 -24.71
CA TYR A 431 26.23 20.42 -23.30
C TYR A 431 26.92 19.17 -22.75
N GLU A 432 28.01 19.38 -22.02
CA GLU A 432 28.70 18.31 -21.34
C GLU A 432 28.20 18.21 -19.90
N LEU A 433 27.65 17.04 -19.55
CA LEU A 433 27.05 16.84 -18.23
C LEU A 433 28.07 17.14 -17.14
N ASP A 434 27.71 18.07 -16.26
CA ASP A 434 28.52 18.47 -15.11
C ASP A 434 27.58 18.52 -13.92
N ILE A 435 27.72 17.58 -13.01
CA ILE A 435 26.76 17.40 -11.92
C ILE A 435 27.29 18.10 -10.68
N LYS A 436 26.66 19.22 -10.35
CA LYS A 436 26.97 19.94 -9.12
C LYS A 436 26.30 19.28 -7.93
N GLU A 437 27.03 19.19 -6.82
CA GLU A 437 26.53 18.50 -5.64
C GLU A 437 26.37 19.51 -4.51
N THR A 438 25.15 19.66 -4.03
CA THR A 438 24.86 20.24 -2.73
C THR A 438 24.46 19.07 -1.81
N LEU A 439 23.39 19.18 -1.03
CA LEU A 439 22.82 17.94 -0.54
C LEU A 439 22.03 17.21 -1.62
N THR A 440 21.81 17.84 -2.77
CA THR A 440 21.14 17.21 -3.90
C THR A 440 22.00 17.37 -5.15
N LEU A 441 21.51 16.84 -6.27
CA LEU A 441 22.27 16.77 -7.51
C LEU A 441 21.57 17.56 -8.60
N LYS A 442 22.34 18.23 -9.45
CA LYS A 442 21.75 18.94 -10.58
C LYS A 442 22.76 19.09 -11.71
N PRO A 443 22.29 19.17 -12.96
CA PRO A 443 23.21 19.39 -14.09
C PRO A 443 23.58 20.86 -14.25
N GLU A 444 24.73 21.24 -13.69
CA GLU A 444 25.09 22.65 -13.65
C GLU A 444 25.41 23.18 -15.04
N GLY A 445 24.92 24.39 -15.33
CA GLY A 445 25.19 25.00 -16.61
C GLY A 445 24.44 24.37 -17.78
N PHE A 446 23.46 23.51 -17.50
CA PHE A 446 22.67 22.93 -18.57
C PHE A 446 21.80 24.02 -19.21
N VAL A 447 21.97 24.23 -20.51
CA VAL A 447 21.24 25.25 -21.24
C VAL A 447 20.67 24.63 -22.52
N VAL A 448 19.52 25.16 -22.96
CA VAL A 448 18.90 24.78 -24.22
C VAL A 448 18.31 26.01 -24.88
N LYS A 449 17.99 25.86 -26.16
CA LYS A 449 17.12 26.78 -26.87
C LYS A 449 15.77 26.11 -27.11
N ALA A 450 14.70 26.88 -27.01
CA ALA A 450 13.36 26.37 -27.25
C ALA A 450 12.77 27.15 -28.43
N LYS A 451 12.28 26.44 -29.42
CA LYS A 451 11.54 27.04 -30.52
C LYS A 451 10.07 26.70 -30.32
N SER A 452 9.25 27.72 -30.19
CA SER A 452 7.84 27.53 -29.88
C SER A 452 7.11 26.83 -31.03
N LYS A 453 6.22 25.90 -30.68
CA LYS A 453 5.27 25.34 -31.63
C LYS A 453 4.05 26.23 -31.81
N LYS A 454 4.01 27.39 -31.15
CA LYS A 454 2.98 28.42 -31.35
C LYS A 454 1.59 27.91 -30.99
N ILE A 455 1.49 27.11 -29.95
CA ILE A 455 0.21 26.57 -29.48
C ILE A 455 -0.27 27.43 -28.30
N PRO A 456 -1.46 28.03 -28.39
CA PRO A 456 -1.90 28.95 -27.34
C PRO A 456 -2.27 28.23 -26.05
N LEU A 457 -2.30 29.01 -24.97
CA LEU A 457 -2.65 28.51 -23.65
C LEU A 457 -4.09 28.85 -23.30
N LYS B 5 -30.15 13.03 -6.24
CA LYS B 5 -31.36 12.96 -5.40
C LYS B 5 -32.18 11.71 -5.73
N GLU B 6 -32.63 11.60 -6.98
CA GLU B 6 -33.41 10.45 -7.42
C GLU B 6 -32.49 9.24 -7.63
N MET B 7 -32.87 8.10 -7.04
CA MET B 7 -31.91 7.00 -6.99
C MET B 7 -32.16 6.00 -8.10
N PRO B 8 -31.13 5.61 -8.85
CA PRO B 8 -31.32 4.63 -9.93
C PRO B 8 -31.74 3.28 -9.38
N GLN B 9 -32.36 2.48 -10.25
CA GLN B 9 -32.89 1.16 -9.92
C GLN B 9 -32.88 0.28 -11.16
N PRO B 10 -32.49 -0.99 -11.04
CA PRO B 10 -32.45 -1.88 -12.20
C PRO B 10 -33.85 -2.34 -12.61
N LYS B 11 -33.91 -3.12 -13.70
CA LYS B 11 -35.18 -3.50 -14.30
C LYS B 11 -36.04 -4.28 -13.30
N THR B 12 -37.36 -4.19 -13.48
CA THR B 12 -38.31 -4.79 -12.56
C THR B 12 -39.11 -5.91 -13.24
N PHE B 13 -39.76 -6.71 -12.39
CA PHE B 13 -40.53 -7.87 -12.82
C PHE B 13 -41.93 -7.81 -12.23
N GLY B 14 -42.64 -6.72 -12.54
CA GLY B 14 -44.00 -6.56 -12.02
C GLY B 14 -44.02 -6.59 -10.50
N GLU B 15 -44.87 -7.45 -9.94
CA GLU B 15 -45.04 -7.50 -8.49
C GLU B 15 -43.77 -7.91 -7.77
N LEU B 16 -42.92 -8.71 -8.43
CA LEU B 16 -41.69 -9.18 -7.79
C LEU B 16 -40.59 -8.11 -7.76
N LYS B 17 -40.83 -6.94 -8.35
CA LYS B 17 -39.85 -5.84 -8.34
C LYS B 17 -38.50 -6.32 -8.88
N ASN B 18 -37.43 -6.16 -8.10
CA ASN B 18 -36.11 -6.57 -8.56
C ASN B 18 -35.73 -7.99 -8.19
N LEU B 19 -36.56 -8.69 -7.41
CA LEU B 19 -36.14 -9.98 -6.85
C LEU B 19 -35.68 -11.01 -7.89
N PRO B 20 -36.33 -11.16 -9.05
CA PRO B 20 -35.84 -12.16 -10.02
C PRO B 20 -34.43 -11.91 -10.51
N LEU B 21 -33.89 -10.71 -10.34
CA LEU B 21 -32.50 -10.46 -10.71
C LEU B 21 -31.54 -11.34 -9.92
N LEU B 22 -31.93 -11.73 -8.72
CA LEU B 22 -31.08 -12.60 -7.91
C LEU B 22 -31.22 -14.06 -8.27
N ASN B 23 -32.21 -14.43 -9.10
CA ASN B 23 -32.37 -15.82 -9.53
C ASN B 23 -31.41 -16.09 -10.69
N THR B 24 -30.13 -16.07 -10.34
CA THR B 24 -29.03 -16.32 -11.25
C THR B 24 -27.94 -17.00 -10.44
N ASP B 25 -27.07 -17.76 -11.09
CA ASP B 25 -26.08 -18.47 -10.28
C ASP B 25 -24.86 -17.62 -9.97
N LYS B 26 -24.75 -16.41 -10.52
CA LYS B 26 -23.65 -15.50 -10.21
C LYS B 26 -24.19 -14.14 -9.79
N PRO B 27 -24.83 -14.06 -8.61
CA PRO B 27 -25.53 -12.81 -8.26
C PRO B 27 -24.62 -11.65 -7.91
N VAL B 28 -23.48 -11.87 -7.24
CA VAL B 28 -22.57 -10.77 -6.98
C VAL B 28 -22.08 -10.17 -8.29
N GLN B 29 -21.69 -11.05 -9.22
CA GLN B 29 -21.25 -10.58 -10.53
C GLN B 29 -22.36 -9.84 -11.27
N ALA B 30 -23.61 -10.31 -11.13
CA ALA B 30 -24.74 -9.58 -11.72
C ALA B 30 -24.89 -8.20 -11.09
N LEU B 31 -24.77 -8.12 -9.76
CA LEU B 31 -24.89 -6.83 -9.09
C LEU B 31 -23.74 -5.90 -9.45
N MET B 32 -22.56 -6.44 -9.68
CA MET B 32 -21.45 -5.62 -10.18
C MET B 32 -21.76 -5.01 -11.54
N LYS B 33 -22.34 -5.79 -12.45
CA LYS B 33 -22.69 -5.24 -13.76
C LYS B 33 -23.77 -4.19 -13.64
N ILE B 34 -24.73 -4.39 -12.73
CA ILE B 34 -25.73 -3.35 -12.48
C ILE B 34 -25.07 -2.09 -11.96
N ALA B 35 -24.13 -2.23 -11.03
CA ALA B 35 -23.39 -1.07 -10.55
C ALA B 35 -22.59 -0.39 -11.65
N ASP B 36 -22.02 -1.19 -12.56
CA ASP B 36 -21.33 -0.59 -13.72
C ASP B 36 -22.27 0.30 -14.52
N GLU B 37 -23.52 -0.16 -14.69
CA GLU B 37 -24.48 0.61 -15.47
C GLU B 37 -25.01 1.81 -14.69
N LEU B 38 -25.36 1.62 -13.42
CA LEU B 38 -26.12 2.63 -12.68
C LEU B 38 -25.26 3.54 -11.81
N GLY B 39 -24.04 3.16 -11.47
CA GLY B 39 -23.18 4.02 -10.70
C GLY B 39 -23.09 3.65 -9.23
N GLU B 40 -22.73 4.66 -8.42
CA GLU B 40 -22.27 4.43 -7.06
C GLU B 40 -23.37 3.95 -6.11
N ILE B 41 -24.64 4.07 -6.47
CA ILE B 41 -25.71 3.66 -5.57
C ILE B 41 -26.94 3.32 -6.39
N PHE B 42 -27.59 2.20 -6.06
CA PHE B 42 -28.87 1.90 -6.67
C PHE B 42 -29.77 1.21 -5.66
N LYS B 43 -31.07 1.50 -5.78
CA LYS B 43 -32.09 0.89 -4.95
C LYS B 43 -32.42 -0.51 -5.47
N PHE B 44 -32.63 -1.45 -4.56
CA PHE B 44 -33.00 -2.81 -4.90
C PHE B 44 -34.22 -3.19 -4.08
N GLU B 45 -35.33 -3.45 -4.76
CA GLU B 45 -36.61 -3.71 -4.11
C GLU B 45 -37.06 -5.14 -4.35
N ALA B 46 -37.67 -5.73 -3.33
CA ALA B 46 -38.27 -7.06 -3.39
C ALA B 46 -39.55 -7.00 -2.57
N PRO B 47 -40.42 -8.01 -2.62
CA PRO B 47 -41.60 -7.99 -1.72
C PRO B 47 -41.18 -7.91 -0.27
N GLY B 48 -41.59 -6.83 0.39
CA GLY B 48 -41.27 -6.64 1.80
C GLY B 48 -39.82 -6.33 2.10
N ARG B 49 -39.05 -5.87 1.12
CA ARG B 49 -37.63 -5.62 1.33
C ARG B 49 -37.17 -4.47 0.43
N VAL B 50 -36.44 -3.52 1.01
CA VAL B 50 -35.78 -2.45 0.27
C VAL B 50 -34.35 -2.34 0.78
N THR B 51 -33.39 -2.33 -0.15
CA THR B 51 -32.01 -2.06 0.21
C THR B 51 -31.39 -1.20 -0.87
N ARG B 52 -30.17 -0.73 -0.60
CA ARG B 52 -29.44 0.16 -1.50
C ARG B 52 -28.00 -0.32 -1.58
N TYR B 53 -27.52 -0.61 -2.79
CA TYR B 53 -26.17 -1.14 -3.00
C TYR B 53 -25.19 0.02 -3.24
N LEU B 54 -24.15 0.08 -2.42
CA LEU B 54 -23.12 1.12 -2.51
C LEU B 54 -21.86 0.59 -3.16
N SER B 55 -21.27 1.40 -4.05
CA SER B 55 -20.10 0.99 -4.81
C SER B 55 -18.93 1.97 -4.78
N SER B 56 -19.11 3.19 -4.28
CA SER B 56 -18.05 4.19 -4.32
C SER B 56 -17.46 4.38 -2.93
N GLN B 57 -16.15 4.65 -2.89
CA GLN B 57 -15.50 4.98 -1.64
C GLN B 57 -16.14 6.20 -0.99
N ARG B 58 -16.59 7.16 -1.81
CA ARG B 58 -17.23 8.37 -1.32
C ARG B 58 -18.42 8.04 -0.41
N LEU B 59 -19.31 7.17 -0.89
CA LEU B 59 -20.49 6.85 -0.09
C LEU B 59 -20.20 5.80 0.97
N ILE B 60 -19.30 4.86 0.68
CA ILE B 60 -19.06 3.78 1.63
C ILE B 60 -18.30 4.29 2.85
N LYS B 61 -17.44 5.31 2.70
CA LYS B 61 -16.77 5.85 3.88
C LYS B 61 -17.76 6.47 4.85
N GLU B 62 -18.88 7.01 4.35
CA GLU B 62 -19.91 7.51 5.23
C GLU B 62 -20.68 6.36 5.88
N ALA B 63 -21.02 5.33 5.09
CA ALA B 63 -21.73 4.18 5.65
C ALA B 63 -20.90 3.50 6.73
N CYS B 64 -19.58 3.61 6.64
CA CYS B 64 -18.69 3.01 7.64
C CYS B 64 -18.49 3.88 8.86
N ASP B 65 -19.14 5.05 8.92
CA ASP B 65 -19.17 5.87 10.13
C ASP B 65 -20.07 5.18 11.15
N GLU B 66 -19.46 4.61 12.19
CA GLU B 66 -20.21 3.82 13.16
C GLU B 66 -21.13 4.67 14.04
N SER B 67 -20.93 5.98 14.07
CA SER B 67 -21.86 6.84 14.80
C SER B 67 -23.18 6.98 14.07
N ARG B 68 -23.20 6.67 12.77
CA ARG B 68 -24.40 6.81 11.97
C ARG B 68 -25.00 5.51 11.48
N PHE B 69 -24.20 4.45 11.34
CA PHE B 69 -24.66 3.16 10.83
C PHE B 69 -24.07 2.04 11.67
N ASP B 70 -24.85 0.98 11.85
CA ASP B 70 -24.44 -0.22 12.56
C ASP B 70 -24.59 -1.42 11.63
N LYS B 71 -23.96 -2.54 12.00
CA LYS B 71 -24.08 -3.74 11.17
C LYS B 71 -25.52 -4.23 11.12
N ASN B 72 -25.99 -4.54 9.93
CA ASN B 72 -27.30 -5.14 9.72
C ASN B 72 -27.12 -6.60 9.32
N LEU B 73 -28.06 -7.44 9.75
CA LEU B 73 -28.08 -8.83 9.28
C LEU B 73 -28.74 -8.84 7.91
N SER B 74 -27.96 -9.05 6.87
CA SER B 74 -28.50 -9.32 5.55
C SER B 74 -29.41 -10.54 5.62
N GLN B 75 -30.20 -10.75 4.57
CA GLN B 75 -31.02 -11.96 4.52
C GLN B 75 -30.15 -13.21 4.52
N ALA B 76 -28.99 -13.16 3.84
CA ALA B 76 -28.06 -14.29 3.89
C ALA B 76 -27.64 -14.60 5.32
N LEU B 77 -27.25 -13.57 6.07
CA LEU B 77 -26.84 -13.78 7.46
C LEU B 77 -28.00 -14.25 8.32
N LYS B 78 -29.20 -13.74 8.06
CA LYS B 78 -30.36 -14.21 8.82
C LYS B 78 -30.59 -15.70 8.62
N PHE B 79 -30.38 -16.19 7.39
CA PHE B 79 -30.55 -17.62 7.16
C PHE B 79 -29.42 -18.43 7.77
N VAL B 80 -28.19 -17.90 7.72
CA VAL B 80 -27.06 -18.57 8.36
C VAL B 80 -27.27 -18.63 9.86
N ARG B 81 -27.95 -17.62 10.44
CA ARG B 81 -28.19 -17.60 11.88
C ARG B 81 -28.97 -18.82 12.35
N ASP B 82 -29.76 -19.43 11.46
CA ASP B 82 -30.47 -20.64 11.85
C ASP B 82 -29.54 -21.78 12.24
N PHE B 83 -28.25 -21.71 11.87
CA PHE B 83 -27.29 -22.68 12.41
C PHE B 83 -26.05 -22.06 13.05
N ALA B 84 -25.76 -20.79 12.80
CA ALA B 84 -24.68 -20.10 13.51
C ALA B 84 -25.15 -19.37 14.76
N GLY B 85 -26.47 -19.35 15.00
CA GLY B 85 -27.02 -18.80 16.23
C GLY B 85 -26.58 -17.38 16.50
N ASP B 86 -26.37 -17.07 17.77
CA ASP B 86 -25.78 -15.78 18.14
C ASP B 86 -24.27 -15.86 18.29
N GLY B 87 -23.63 -16.63 17.39
CA GLY B 87 -22.20 -16.47 17.16
C GLY B 87 -21.87 -15.05 16.72
N LEU B 88 -20.56 -14.77 16.62
CA LEU B 88 -20.13 -13.39 16.41
C LEU B 88 -20.64 -12.83 15.09
N ALA B 89 -20.66 -13.64 14.02
CA ALA B 89 -20.97 -13.10 12.70
C ALA B 89 -22.46 -12.88 12.47
N THR B 90 -23.33 -13.57 13.21
CA THR B 90 -24.76 -13.51 12.96
C THR B 90 -25.54 -12.90 14.12
N SER B 91 -24.86 -12.21 15.03
CA SER B 91 -25.54 -11.53 16.14
CA SER B 91 -25.54 -11.53 16.14
C SER B 91 -25.57 -10.02 15.90
N TRP B 92 -26.61 -9.39 16.41
CA TRP B 92 -26.70 -7.94 16.33
C TRP B 92 -25.75 -7.32 17.34
N THR B 93 -25.29 -6.10 17.04
CA THR B 93 -24.34 -5.43 17.92
C THR B 93 -24.91 -5.22 19.32
N HIS B 94 -26.22 -5.01 19.41
CA HIS B 94 -26.86 -4.72 20.69
C HIS B 94 -27.22 -5.97 21.48
N GLU B 95 -26.97 -7.15 20.96
CA GLU B 95 -27.23 -8.39 21.69
C GLU B 95 -26.12 -8.63 22.70
N LYS B 96 -26.50 -8.99 23.94
CA LYS B 96 -25.52 -9.19 25.00
C LYS B 96 -24.39 -10.14 24.58
N ASN B 97 -24.74 -11.21 23.86
CA ASN B 97 -23.72 -12.19 23.49
C ASN B 97 -22.73 -11.69 22.43
N TRP B 98 -23.02 -10.62 21.71
CA TRP B 98 -22.00 -10.15 20.77
C TRP B 98 -20.82 -9.54 21.50
N LYS B 99 -21.06 -8.52 22.32
CA LYS B 99 -19.97 -7.83 22.99
C LYS B 99 -19.25 -8.77 23.95
N LYS B 100 -20.01 -9.66 24.58
CA LYS B 100 -19.43 -10.64 25.49
C LYS B 100 -18.43 -11.53 24.77
N ALA B 101 -18.86 -12.18 23.69
CA ALA B 101 -17.95 -13.03 22.93
C ALA B 101 -16.83 -12.23 22.28
N HIS B 102 -17.15 -11.01 21.84
CA HIS B 102 -16.14 -10.14 21.25
C HIS B 102 -15.01 -9.87 22.23
N ASN B 103 -15.35 -9.45 23.46
CA ASN B 103 -14.32 -9.17 24.47
C ASN B 103 -13.52 -10.43 24.81
N ILE B 104 -14.18 -11.58 24.92
CA ILE B 104 -13.47 -12.80 25.27
C ILE B 104 -12.55 -13.24 24.13
N LEU B 105 -13.04 -13.17 22.89
CA LEU B 105 -12.32 -13.77 21.77
C LEU B 105 -11.27 -12.87 21.12
N LEU B 106 -11.37 -11.55 21.29
CA LEU B 106 -10.41 -10.65 20.64
C LEU B 106 -8.95 -10.99 20.97
N PRO B 107 -8.56 -11.19 22.23
CA PRO B 107 -7.14 -11.51 22.48
C PRO B 107 -6.68 -12.84 21.88
N SER B 108 -7.57 -13.81 21.68
CA SER B 108 -7.14 -15.07 21.10
C SER B 108 -7.12 -15.03 19.57
N PHE B 109 -7.43 -13.89 18.96
CA PHE B 109 -7.32 -13.70 17.51
C PHE B 109 -6.30 -12.62 17.14
N SER B 110 -5.53 -12.11 18.10
CA SER B 110 -4.60 -11.04 17.80
C SER B 110 -3.41 -11.56 17.00
N GLN B 111 -2.64 -10.63 16.44
CA GLN B 111 -1.38 -11.01 15.78
C GLN B 111 -0.47 -11.77 16.73
N GLN B 112 -0.41 -11.35 17.99
CA GLN B 112 0.39 -12.07 18.99
C GLN B 112 -0.11 -13.49 19.18
N ALA B 113 -1.43 -13.71 19.10
CA ALA B 113 -1.97 -15.05 19.34
C ALA B 113 -1.66 -16.01 18.19
N MET B 114 -1.33 -15.50 17.01
CA MET B 114 -0.99 -16.40 15.91
C MET B 114 0.26 -17.21 16.20
N LYS B 115 1.14 -16.71 17.08
CA LYS B 115 2.29 -17.51 17.49
C LYS B 115 1.85 -18.86 18.06
N GLY B 116 0.73 -18.88 18.80
CA GLY B 116 0.25 -20.13 19.38
C GLY B 116 -0.44 -21.07 18.42
N TYR B 117 -1.04 -20.53 17.35
CA TYR B 117 -1.66 -21.36 16.32
C TYR B 117 -0.68 -21.84 15.26
N HIS B 118 0.52 -21.24 15.22
CA HIS B 118 1.41 -21.42 14.08
C HIS B 118 1.77 -22.88 13.85
N ALA B 119 2.07 -23.62 14.93
CA ALA B 119 2.48 -25.01 14.79
C ALA B 119 1.37 -25.86 14.18
N MET B 120 0.13 -25.64 14.60
CA MET B 120 -0.97 -26.43 14.04
C MET B 120 -1.23 -26.05 12.58
N MET B 121 -1.12 -24.76 12.25
CA MET B 121 -1.23 -24.35 10.86
C MET B 121 -0.16 -25.03 10.00
N VAL B 122 1.06 -25.13 10.53
CA VAL B 122 2.14 -25.79 9.82
C VAL B 122 1.84 -27.26 9.61
N ASP B 123 1.22 -27.90 10.61
CA ASP B 123 0.86 -29.31 10.50
C ASP B 123 0.04 -29.58 9.24
N ILE B 124 -0.99 -28.77 9.01
CA ILE B 124 -1.84 -28.99 7.83
C ILE B 124 -1.12 -28.53 6.57
N ALA B 125 -0.36 -27.44 6.65
CA ALA B 125 0.35 -26.94 5.48
C ALA B 125 1.34 -27.97 4.96
N VAL B 126 2.02 -28.68 5.86
CA VAL B 126 2.92 -29.75 5.45
C VAL B 126 2.15 -30.89 4.78
N GLN B 127 0.96 -31.20 5.29
CA GLN B 127 0.15 -32.22 4.62
C GLN B 127 -0.20 -31.81 3.19
N LEU B 128 -0.51 -30.53 2.97
CA LEU B 128 -0.78 -30.06 1.61
C LEU B 128 0.45 -30.21 0.73
N VAL B 129 1.61 -29.74 1.19
CA VAL B 129 2.82 -29.85 0.39
C VAL B 129 3.17 -31.30 0.11
N GLN B 130 2.99 -32.18 1.10
CA GLN B 130 3.30 -33.60 0.86
C GLN B 130 2.34 -34.22 -0.15
N LYS B 131 1.06 -33.85 -0.09
CA LYS B 131 0.14 -34.37 -1.10
C LYS B 131 0.63 -34.05 -2.50
N TRP B 132 1.06 -32.81 -2.71
CA TRP B 132 1.50 -32.38 -4.04
C TRP B 132 2.85 -32.97 -4.39
N GLU B 133 3.76 -33.15 -3.42
CA GLU B 133 5.02 -33.82 -3.70
C GLU B 133 4.81 -35.24 -4.20
N ARG B 134 3.71 -35.86 -3.79
CA ARG B 134 3.46 -37.27 -4.07
C ARG B 134 2.58 -37.48 -5.30
N LEU B 135 2.21 -36.42 -6.00
CA LEU B 135 1.49 -36.59 -7.25
C LEU B 135 2.38 -37.18 -8.32
N ASN B 136 1.79 -37.97 -9.20
CA ASN B 136 2.55 -38.52 -10.30
C ASN B 136 2.68 -37.50 -11.42
N ALA B 137 3.63 -37.75 -12.32
CA ALA B 137 3.77 -36.90 -13.49
C ALA B 137 2.46 -36.85 -14.26
N ASP B 138 2.14 -35.66 -14.77
CA ASP B 138 0.96 -35.42 -15.59
C ASP B 138 -0.36 -35.56 -14.83
N GLU B 139 -0.31 -35.85 -13.53
CA GLU B 139 -1.46 -35.55 -12.69
C GLU B 139 -1.49 -34.05 -12.42
N HIS B 140 -2.65 -33.54 -12.02
CA HIS B 140 -2.80 -32.11 -11.78
C HIS B 140 -3.43 -31.88 -10.41
N ILE B 141 -3.55 -30.61 -10.06
CA ILE B 141 -4.05 -30.17 -8.77
C ILE B 141 -5.39 -29.48 -9.00
N GLU B 142 -6.40 -29.87 -8.22
CA GLU B 142 -7.68 -29.16 -8.20
C GLU B 142 -7.55 -28.13 -7.09
N VAL B 143 -7.33 -26.87 -7.47
CA VAL B 143 -6.82 -25.88 -6.52
C VAL B 143 -7.83 -25.54 -5.42
N PRO B 144 -9.05 -25.06 -5.71
CA PRO B 144 -9.96 -24.72 -4.60
C PRO B 144 -10.32 -25.91 -3.74
N GLU B 145 -10.41 -27.11 -4.34
CA GLU B 145 -10.68 -28.30 -3.56
C GLU B 145 -9.59 -28.56 -2.53
N ASP B 146 -8.32 -28.49 -2.93
CA ASP B 146 -7.24 -28.70 -1.98
C ASP B 146 -7.12 -27.53 -1.00
N MET B 147 -7.36 -26.32 -1.47
CA MET B 147 -7.30 -25.16 -0.55
C MET B 147 -8.38 -25.32 0.53
N THR B 148 -9.56 -25.78 0.15
CA THR B 148 -10.69 -26.00 1.08
C THR B 148 -10.36 -27.11 2.08
N ARG B 149 -9.70 -28.17 1.63
CA ARG B 149 -9.28 -29.24 2.56
C ARG B 149 -8.34 -28.62 3.60
N LEU B 150 -7.40 -27.79 3.16
CA LEU B 150 -6.40 -27.14 4.03
C LEU B 150 -7.05 -26.17 5.03
N THR B 151 -7.88 -25.24 4.57
CA THR B 151 -8.39 -24.23 5.49
C THR B 151 -9.37 -24.84 6.49
N LEU B 152 -10.13 -25.83 6.01
CA LEU B 152 -11.14 -26.53 6.84
C LEU B 152 -10.43 -27.30 7.96
N ASP B 153 -9.35 -28.02 7.62
CA ASP B 153 -8.61 -28.78 8.62
C ASP B 153 -7.83 -27.86 9.56
N THR B 154 -7.35 -26.74 9.04
CA THR B 154 -6.61 -25.80 9.89
C THR B 154 -7.51 -25.20 10.96
N ILE B 155 -8.71 -24.77 10.57
CA ILE B 155 -9.69 -24.20 11.53
C ILE B 155 -10.14 -25.27 12.51
N GLY B 156 -10.33 -26.50 12.05
CA GLY B 156 -10.71 -27.57 12.96
C GLY B 156 -9.67 -27.83 14.04
N LEU B 157 -8.39 -27.83 13.65
CA LEU B 157 -7.32 -28.12 14.59
C LEU B 157 -7.08 -26.93 15.52
N CYS B 158 -7.02 -25.72 14.96
CA CYS B 158 -6.84 -24.52 15.78
C CYS B 158 -8.11 -24.14 16.52
N GLY B 159 -9.27 -24.46 15.96
CA GLY B 159 -10.52 -24.10 16.61
C GLY B 159 -10.85 -24.97 17.79
N PHE B 160 -10.73 -26.30 17.64
CA PHE B 160 -11.09 -27.17 18.76
C PHE B 160 -10.32 -28.49 18.73
N ASN B 161 -9.07 -28.47 18.27
CA ASN B 161 -8.15 -29.60 18.32
C ASN B 161 -8.78 -30.86 17.74
N TYR B 162 -9.52 -30.70 16.64
CA TYR B 162 -10.19 -31.80 15.98
C TYR B 162 -9.65 -31.93 14.56
N ARG B 163 -9.39 -33.16 14.15
CA ARG B 163 -8.80 -33.46 12.85
C ARG B 163 -9.89 -33.99 11.91
N PHE B 164 -10.34 -33.14 10.98
CA PHE B 164 -11.22 -33.62 9.92
C PHE B 164 -10.52 -34.57 8.97
N ASN B 165 -9.18 -34.53 8.92
CA ASN B 165 -8.40 -35.45 8.08
C ASN B 165 -8.87 -35.41 6.62
N SER B 166 -9.06 -34.19 6.12
CA SER B 166 -9.59 -34.01 4.77
C SER B 166 -8.65 -34.54 3.71
N PHE B 167 -7.36 -34.60 3.98
CA PHE B 167 -6.42 -35.14 2.99
C PHE B 167 -6.36 -36.66 2.98
N TYR B 168 -7.18 -37.32 3.80
CA TYR B 168 -7.30 -38.77 3.76
C TYR B 168 -8.59 -39.20 3.07
N ARG B 169 -9.31 -38.27 2.44
CA ARG B 169 -10.68 -38.51 2.04
C ARG B 169 -10.97 -37.92 0.67
N ASP B 170 -11.85 -38.59 -0.06
CA ASP B 170 -12.55 -38.00 -1.19
C ASP B 170 -13.86 -37.36 -0.73
N GLN B 171 -14.71 -38.14 -0.07
CA GLN B 171 -15.94 -37.62 0.51
C GLN B 171 -15.63 -37.00 1.87
N PRO B 172 -15.96 -35.72 2.08
CA PRO B 172 -15.57 -35.06 3.32
C PRO B 172 -16.23 -35.66 4.57
N HIS B 173 -15.66 -35.28 5.70
CA HIS B 173 -16.20 -35.65 7.00
C HIS B 173 -17.69 -35.30 7.06
N PRO B 174 -18.53 -36.18 7.63
CA PRO B 174 -19.98 -35.89 7.67
C PRO B 174 -20.34 -34.51 8.19
N PHE B 175 -19.57 -33.95 9.13
CA PHE B 175 -19.84 -32.59 9.57
C PHE B 175 -19.73 -31.60 8.43
N ILE B 176 -18.69 -31.73 7.60
CA ILE B 176 -18.48 -30.80 6.50
C ILE B 176 -19.58 -30.94 5.46
N THR B 177 -20.00 -32.18 5.18
CA THR B 177 -21.11 -32.39 4.24
C THR B 177 -22.38 -31.70 4.71
N SER B 178 -22.70 -31.81 6.00
CA SER B 178 -23.89 -31.14 6.51
C SER B 178 -23.73 -29.61 6.53
N MET B 179 -22.54 -29.12 6.88
CA MET B 179 -22.31 -27.68 6.89
C MET B 179 -22.46 -27.09 5.49
N VAL B 180 -21.79 -27.68 4.51
CA VAL B 180 -21.85 -27.18 3.13
C VAL B 180 -23.29 -27.21 2.64
N ARG B 181 -24.00 -28.30 2.92
CA ARG B 181 -25.39 -28.41 2.48
C ARG B 181 -26.29 -27.42 3.20
N ALA B 182 -25.99 -27.09 4.46
CA ALA B 182 -26.75 -26.05 5.15
C ALA B 182 -26.49 -24.68 4.54
N LEU B 183 -25.22 -24.37 4.24
CA LEU B 183 -24.91 -23.12 3.54
C LEU B 183 -25.57 -23.08 2.16
N ASP B 184 -25.64 -24.21 1.49
CA ASP B 184 -26.27 -24.28 0.15
C ASP B 184 -27.76 -23.95 0.29
N GLU B 185 -28.42 -24.54 1.27
CA GLU B 185 -29.84 -24.27 1.48
C GLU B 185 -30.07 -22.80 1.82
N ALA B 186 -29.19 -22.21 2.64
CA ALA B 186 -29.31 -20.79 2.97
C ALA B 186 -29.25 -19.94 1.71
N MET B 187 -28.31 -20.21 0.81
CA MET B 187 -28.22 -19.41 -0.41
C MET B 187 -29.41 -19.66 -1.33
N ASN B 188 -29.81 -20.92 -1.51
CA ASN B 188 -30.92 -21.21 -2.40
C ASN B 188 -32.21 -20.54 -1.93
N LYS B 189 -32.41 -20.48 -0.60
CA LYS B 189 -33.60 -19.80 -0.07
C LYS B 189 -33.67 -18.35 -0.52
N LEU B 190 -32.52 -17.71 -0.70
CA LEU B 190 -32.49 -16.32 -1.11
C LEU B 190 -33.12 -16.12 -2.48
N GLN B 191 -33.00 -17.12 -3.35
CA GLN B 191 -33.38 -16.99 -4.75
C GLN B 191 -34.79 -17.48 -5.03
N ARG B 192 -35.47 -18.08 -4.05
CA ARG B 192 -36.78 -18.70 -4.27
C ARG B 192 -37.90 -17.67 -4.43
N ASP B 196 -42.86 -20.37 0.90
CA ASP B 196 -42.34 -21.36 -0.06
C ASP B 196 -43.39 -22.47 -0.25
N ASP B 197 -43.45 -22.99 -1.46
CA ASP B 197 -44.43 -24.02 -1.89
C ASP B 197 -44.13 -25.39 -1.31
N PRO B 198 -45.00 -26.39 -1.50
CA PRO B 198 -44.79 -27.72 -0.96
C PRO B 198 -43.50 -28.45 -1.40
N ALA B 199 -42.97 -28.12 -2.57
CA ALA B 199 -41.78 -28.73 -3.20
C ALA B 199 -40.52 -28.59 -2.35
N TYR B 200 -40.43 -27.51 -1.57
CA TYR B 200 -39.25 -27.20 -0.72
C TYR B 200 -39.29 -27.94 0.62
N ASP B 201 -40.31 -28.77 0.87
CA ASP B 201 -40.42 -29.50 2.16
C ASP B 201 -39.22 -30.45 2.33
N GLU B 202 -38.78 -31.11 1.27
CA GLU B 202 -37.63 -32.04 1.45
C GLU B 202 -36.39 -31.26 1.86
N ASN B 203 -36.17 -30.10 1.25
CA ASN B 203 -34.99 -29.26 1.58
C ASN B 203 -35.09 -28.86 3.05
N LYS B 204 -36.28 -28.49 3.51
CA LYS B 204 -36.45 -28.09 4.93
C LYS B 204 -36.10 -29.23 5.86
N ARG B 205 -36.54 -30.45 5.57
CA ARG B 205 -36.25 -31.60 6.45
C ARG B 205 -34.75 -31.85 6.49
N GLN B 206 -34.08 -31.78 5.34
CA GLN B 206 -32.63 -32.01 5.22
C GLN B 206 -31.89 -30.94 6.02
N PHE B 207 -32.38 -29.70 5.96
CA PHE B 207 -31.76 -28.57 6.67
C PHE B 207 -31.78 -28.83 8.17
N GLN B 208 -32.90 -29.32 8.70
CA GLN B 208 -32.98 -29.62 10.14
C GLN B 208 -32.01 -30.73 10.51
N GLU B 209 -31.89 -31.72 9.64
CA GLU B 209 -30.97 -32.85 9.84
C GLU B 209 -29.53 -32.36 9.84
N ASP B 210 -29.20 -31.47 8.93
CA ASP B 210 -27.82 -30.91 8.83
C ASP B 210 -27.50 -30.10 10.08
N ILE B 211 -28.48 -29.37 10.58
CA ILE B 211 -28.26 -28.57 11.81
C ILE B 211 -27.94 -29.51 12.96
N LYS B 212 -28.68 -30.62 13.06
CA LYS B 212 -28.49 -31.59 14.16
C LYS B 212 -27.12 -32.22 14.04
N VAL B 213 -26.69 -32.57 12.84
CA VAL B 213 -25.36 -33.15 12.66
C VAL B 213 -24.30 -32.20 13.20
N MET B 214 -24.41 -30.91 12.85
CA MET B 214 -23.42 -29.94 13.28
C MET B 214 -23.42 -29.77 14.80
N ASN B 215 -24.61 -29.56 15.38
CA ASN B 215 -24.71 -29.39 16.83
C ASN B 215 -24.16 -30.60 17.57
N ASP B 216 -24.53 -31.81 17.13
CA ASP B 216 -24.17 -33.02 17.86
C ASP B 216 -22.65 -33.17 17.95
N LEU B 217 -21.94 -33.04 16.83
CA LEU B 217 -20.48 -33.21 16.88
C LEU B 217 -19.83 -32.12 17.72
N VAL B 218 -20.22 -30.86 17.51
CA VAL B 218 -19.60 -29.77 18.25
C VAL B 218 -19.96 -29.86 19.73
N ASP B 219 -21.23 -30.12 20.05
CA ASP B 219 -21.59 -30.27 21.47
C ASP B 219 -20.86 -31.43 22.12
N LYS B 220 -20.67 -32.52 21.38
CA LYS B 220 -19.96 -33.67 21.93
C LYS B 220 -18.50 -33.34 22.21
N ILE B 221 -17.84 -32.63 21.29
CA ILE B 221 -16.44 -32.25 21.51
C ILE B 221 -16.31 -31.33 22.71
N ILE B 222 -17.24 -30.38 22.85
CA ILE B 222 -17.21 -29.50 24.03
C ILE B 222 -17.37 -30.32 25.29
N ALA B 223 -18.38 -31.20 25.31
CA ALA B 223 -18.61 -32.05 26.48
C ALA B 223 -17.40 -32.93 26.78
N ASP B 224 -16.84 -33.57 25.74
CA ASP B 224 -15.64 -34.37 25.92
C ASP B 224 -14.51 -33.57 26.56
N ARG B 225 -14.30 -32.34 26.08
CA ARG B 225 -13.22 -31.51 26.60
C ARG B 225 -13.45 -31.12 28.05
N LYS B 226 -14.69 -30.77 28.40
CA LYS B 226 -14.98 -30.42 29.78
C LYS B 226 -14.73 -31.60 30.71
N ALA B 227 -15.12 -32.80 30.27
CA ALA B 227 -14.93 -34.00 31.10
C ALA B 227 -13.45 -34.30 31.30
N SER B 228 -12.64 -34.15 30.25
CA SER B 228 -11.23 -34.52 30.35
C SER B 228 -10.42 -33.47 31.11
N GLY B 229 -10.84 -32.22 31.06
CA GLY B 229 -10.08 -31.13 31.64
C GLY B 229 -8.81 -30.78 30.91
N GLU B 230 -8.52 -31.41 29.77
CA GLU B 230 -7.26 -31.17 29.09
C GLU B 230 -7.24 -29.80 28.44
N GLN B 231 -6.04 -29.24 28.35
CA GLN B 231 -5.81 -27.91 27.78
C GLN B 231 -5.03 -28.05 26.49
N SER B 232 -5.49 -27.39 25.44
CA SER B 232 -4.77 -27.33 24.17
C SER B 232 -4.51 -25.88 23.81
N ASP B 233 -3.83 -25.67 22.69
CA ASP B 233 -3.60 -24.34 22.15
C ASP B 233 -4.71 -23.94 21.18
N ASP B 234 -5.95 -24.30 21.48
CA ASP B 234 -7.05 -24.05 20.56
C ASP B 234 -8.02 -23.03 21.14
N LEU B 235 -8.89 -22.52 20.26
CA LEU B 235 -9.89 -21.53 20.66
C LEU B 235 -10.88 -22.11 21.66
N LEU B 236 -11.15 -23.42 21.59
CA LEU B 236 -12.08 -24.02 22.54
C LEU B 236 -11.55 -23.92 23.97
N THR B 237 -10.26 -24.15 24.17
CA THR B 237 -9.70 -24.00 25.51
C THR B 237 -9.84 -22.57 26.00
N HIS B 238 -9.54 -21.58 25.15
CA HIS B 238 -9.71 -20.18 25.52
C HIS B 238 -11.15 -19.86 25.90
N MET B 239 -12.11 -20.42 25.15
CA MET B 239 -13.52 -20.11 25.43
C MET B 239 -14.01 -20.79 26.70
N LEU B 240 -13.46 -21.96 27.03
CA LEU B 240 -13.84 -22.64 28.26
C LEU B 240 -13.27 -21.95 29.49
N ASN B 241 -12.19 -21.17 29.33
CA ASN B 241 -11.51 -20.53 30.46
C ASN B 241 -11.68 -19.02 30.49
N GLY B 242 -12.13 -18.40 29.42
CA GLY B 242 -12.16 -16.94 29.37
C GLY B 242 -13.37 -16.36 30.07
N LYS B 243 -13.21 -15.14 30.57
CA LYS B 243 -14.29 -14.38 31.17
C LYS B 243 -14.31 -12.98 30.57
N ASP B 244 -15.49 -12.56 30.15
CA ASP B 244 -15.69 -11.19 29.68
C ASP B 244 -15.38 -10.21 30.80
N PRO B 245 -14.42 -9.29 30.63
CA PRO B 245 -14.15 -8.32 31.71
C PRO B 245 -15.36 -7.46 32.06
N GLU B 246 -16.25 -7.18 31.10
CA GLU B 246 -17.37 -6.31 31.37
C GLU B 246 -18.42 -7.01 32.24
N THR B 247 -19.03 -8.08 31.72
CA THR B 247 -20.04 -8.80 32.50
C THR B 247 -19.43 -9.66 33.59
N GLY B 248 -18.14 -9.96 33.52
CA GLY B 248 -17.55 -10.94 34.40
C GLY B 248 -17.95 -12.38 34.11
N GLU B 249 -18.74 -12.62 33.01
CA GLU B 249 -19.28 -13.93 32.65
C GLU B 249 -18.42 -14.63 31.61
N PRO B 250 -18.40 -15.96 31.68
CA PRO B 250 -17.88 -16.76 30.56
C PRO B 250 -18.97 -17.04 29.53
N LEU B 251 -18.54 -17.48 28.36
CA LEU B 251 -19.49 -17.97 27.37
C LEU B 251 -20.08 -19.29 27.85
N ASP B 252 -21.39 -19.46 27.65
CA ASP B 252 -22.02 -20.74 27.96
C ASP B 252 -21.76 -21.74 26.84
N ASP B 253 -22.06 -23.02 27.13
CA ASP B 253 -21.70 -24.09 26.22
C ASP B 253 -22.41 -23.95 24.87
N GLU B 254 -23.66 -23.48 24.88
CA GLU B 254 -24.39 -23.34 23.63
C GLU B 254 -23.74 -22.29 22.74
N ASN B 255 -23.40 -21.14 23.33
CA ASN B 255 -22.78 -20.08 22.52
C ASN B 255 -21.39 -20.50 22.07
N ILE B 256 -20.65 -21.26 22.89
CA ILE B 256 -19.35 -21.75 22.45
C ILE B 256 -19.53 -22.60 21.21
N ARG B 257 -20.59 -23.41 21.17
CA ARG B 257 -20.88 -24.20 19.98
C ARG B 257 -21.12 -23.31 18.77
N TYR B 258 -21.92 -22.26 18.94
CA TYR B 258 -22.20 -21.36 17.83
C TYR B 258 -20.94 -20.65 17.34
N GLN B 259 -20.02 -20.30 18.26
CA GLN B 259 -18.77 -19.70 17.83
C GLN B 259 -17.93 -20.69 17.00
N ILE B 260 -17.86 -21.95 17.42
CA ILE B 260 -17.07 -22.93 16.67
C ILE B 260 -17.65 -23.13 15.27
N ILE B 261 -18.97 -23.32 15.19
CA ILE B 261 -19.62 -23.40 13.89
C ILE B 261 -19.35 -22.14 13.07
N THR B 262 -19.38 -20.98 13.72
CA THR B 262 -19.11 -19.73 13.04
C THR B 262 -17.69 -19.70 12.47
N PHE B 263 -16.70 -20.10 13.27
CA PHE B 263 -15.32 -20.13 12.77
C PHE B 263 -15.22 -20.99 11.51
N LEU B 264 -15.87 -22.15 11.51
CA LEU B 264 -15.83 -23.03 10.35
C LEU B 264 -16.50 -22.40 9.13
N ILE B 265 -17.67 -21.80 9.31
CA ILE B 265 -18.37 -21.16 8.19
C ILE B 265 -17.61 -19.95 7.70
N ALA B 266 -17.42 -18.97 8.59
CA ALA B 266 -16.91 -17.66 8.20
C ALA B 266 -15.49 -17.75 7.69
N GLY B 267 -14.72 -18.73 8.15
CA GLY B 267 -13.32 -18.79 7.83
C GLY B 267 -12.91 -19.69 6.68
N HIS B 268 -13.57 -20.85 6.52
CA HIS B 268 -12.99 -21.88 5.68
C HIS B 268 -13.05 -21.51 4.19
N GLU B 269 -14.22 -21.08 3.70
CA GLU B 269 -14.36 -20.86 2.27
C GLU B 269 -13.82 -19.51 1.85
N THR B 270 -13.93 -18.50 2.72
CA THR B 270 -13.31 -17.21 2.46
C THR B 270 -11.81 -17.36 2.30
N THR B 271 -11.18 -18.11 3.20
CA THR B 271 -9.73 -18.25 3.17
C THR B 271 -9.28 -19.12 2.00
N SER B 272 -9.99 -20.22 1.72
CA SER B 272 -9.56 -21.07 0.61
C SER B 272 -9.79 -20.36 -0.73
N GLY B 273 -10.87 -19.59 -0.81
CA GLY B 273 -11.07 -18.74 -1.98
C GLY B 273 -9.94 -17.75 -2.19
N LEU B 274 -9.45 -17.12 -1.11
CA LEU B 274 -8.33 -16.21 -1.23
C LEU B 274 -7.10 -16.91 -1.79
N LEU B 275 -6.77 -18.08 -1.23
CA LEU B 275 -5.60 -18.82 -1.72
C LEU B 275 -5.77 -19.22 -3.18
N SER B 276 -6.99 -19.64 -3.54
CA SER B 276 -7.25 -20.08 -4.91
C SER B 276 -7.12 -18.92 -5.89
N PHE B 277 -7.72 -17.77 -5.56
CA PHE B 277 -7.60 -16.60 -6.42
C PHE B 277 -6.16 -16.12 -6.49
N ALA B 278 -5.46 -16.12 -5.36
CA ALA B 278 -4.07 -15.67 -5.36
C ALA B 278 -3.22 -16.51 -6.31
N LEU B 279 -3.37 -17.83 -6.24
CA LEU B 279 -2.61 -18.72 -7.12
C LEU B 279 -3.03 -18.54 -8.57
N TYR B 280 -4.33 -18.33 -8.81
CA TYR B 280 -4.79 -18.00 -10.15
C TYR B 280 -4.08 -16.77 -10.70
N PHE B 281 -4.09 -15.68 -9.93
CA PHE B 281 -3.45 -14.46 -10.43
C PHE B 281 -1.95 -14.64 -10.60
N LEU B 282 -1.32 -15.45 -9.74
CA LEU B 282 0.11 -15.70 -9.87
C LEU B 282 0.44 -16.40 -11.18
N VAL B 283 -0.27 -17.49 -11.49
CA VAL B 283 0.06 -18.21 -12.73
C VAL B 283 -0.35 -17.42 -13.95
N LYS B 284 -1.25 -16.44 -13.82
CA LYS B 284 -1.57 -15.55 -14.94
C LYS B 284 -0.62 -14.37 -15.07
N ASN B 285 0.26 -14.14 -14.09
CA ASN B 285 1.15 -12.98 -14.08
C ASN B 285 2.55 -13.46 -13.69
N PRO B 286 3.27 -14.08 -14.62
CA PRO B 286 4.55 -14.72 -14.29
C PRO B 286 5.58 -13.79 -13.69
N HIS B 287 5.57 -12.48 -14.00
CA HIS B 287 6.52 -11.57 -13.35
C HIS B 287 6.23 -11.47 -11.86
N VAL B 288 4.95 -11.43 -11.49
CA VAL B 288 4.59 -11.38 -10.09
C VAL B 288 4.97 -12.69 -9.40
N LEU B 289 4.70 -13.82 -10.04
CA LEU B 289 5.03 -15.14 -9.46
C LEU B 289 6.53 -15.20 -9.21
N GLN B 290 7.34 -14.79 -10.18
CA GLN B 290 8.78 -14.84 -9.98
C GLN B 290 9.19 -14.03 -8.76
N LYS B 291 8.64 -12.83 -8.62
CA LYS B 291 8.95 -11.98 -7.48
C LYS B 291 8.50 -12.61 -6.16
N ALA B 292 7.29 -13.17 -6.14
CA ALA B 292 6.83 -13.83 -4.91
C ALA B 292 7.67 -15.07 -4.60
N ALA B 293 8.02 -15.86 -5.64
CA ALA B 293 8.81 -17.06 -5.42
C ALA B 293 10.23 -16.73 -4.92
N GLU B 294 10.81 -15.62 -5.41
CA GLU B 294 12.13 -15.20 -4.90
C GLU B 294 12.08 -14.97 -3.40
N GLU B 295 11.08 -14.21 -2.96
CA GLU B 295 10.94 -13.92 -1.54
C GLU B 295 10.75 -15.20 -0.72
N ALA B 296 9.92 -16.12 -1.20
CA ALA B 296 9.68 -17.36 -0.48
C ALA B 296 10.97 -18.14 -0.29
N ALA B 297 11.78 -18.23 -1.35
CA ALA B 297 13.03 -18.98 -1.25
C ALA B 297 14.03 -18.27 -0.33
N ARG B 298 14.07 -16.94 -0.37
CA ARG B 298 15.01 -16.20 0.46
C ARG B 298 14.62 -16.22 1.94
N VAL B 299 13.32 -16.15 2.23
CA VAL B 299 12.87 -15.99 3.61
C VAL B 299 12.74 -17.34 4.31
N LEU B 300 12.15 -18.33 3.63
CA LEU B 300 11.82 -19.62 4.25
C LEU B 300 13.02 -20.56 4.16
N VAL B 301 14.05 -20.25 4.96
CA VAL B 301 15.33 -20.94 4.87
C VAL B 301 15.39 -22.24 5.68
N ASP B 302 14.36 -22.55 6.46
CA ASP B 302 14.32 -23.76 7.26
C ASP B 302 13.29 -24.73 6.70
N PRO B 303 13.45 -26.04 6.95
CA PRO B 303 12.47 -27.00 6.40
C PRO B 303 11.05 -26.76 6.87
N VAL B 304 10.89 -26.14 8.04
CA VAL B 304 9.59 -25.74 8.56
C VAL B 304 9.63 -24.23 8.74
N PRO B 305 8.68 -23.47 8.20
CA PRO B 305 8.67 -22.03 8.45
C PRO B 305 8.35 -21.72 9.91
N SER B 306 9.00 -20.69 10.42
CA SER B 306 8.72 -20.16 11.75
C SER B 306 7.70 -19.03 11.65
N TYR B 307 7.13 -18.66 12.80
CA TYR B 307 6.22 -17.53 12.86
C TYR B 307 6.87 -16.26 12.34
N LYS B 308 8.12 -15.99 12.78
CA LYS B 308 8.78 -14.75 12.39
C LYS B 308 9.08 -14.72 10.89
N GLN B 309 9.41 -15.87 10.30
CA GLN B 309 9.68 -15.91 8.87
C GLN B 309 8.43 -15.55 8.06
N VAL B 310 7.26 -16.02 8.49
CA VAL B 310 6.02 -15.72 7.79
C VAL B 310 5.77 -14.22 7.77
N LYS B 311 6.06 -13.53 8.88
CA LYS B 311 5.88 -12.08 8.91
C LYS B 311 6.79 -11.37 7.92
N GLN B 312 7.92 -11.99 7.57
CA GLN B 312 8.84 -11.39 6.62
C GLN B 312 8.40 -11.54 5.17
N LEU B 313 7.35 -12.33 4.88
CA LEU B 313 6.88 -12.54 3.51
C LEU B 313 6.03 -11.35 3.07
N LYS B 314 6.70 -10.20 2.94
CA LYS B 314 6.01 -8.94 2.64
C LYS B 314 5.33 -8.99 1.28
N TYR B 315 6.05 -9.43 0.24
CA TYR B 315 5.48 -9.43 -1.09
C TYR B 315 4.38 -10.47 -1.24
N VAL B 316 4.53 -11.63 -0.58
CA VAL B 316 3.43 -12.59 -0.54
C VAL B 316 2.18 -11.93 0.05
N GLY B 317 2.38 -11.13 1.10
CA GLY B 317 1.25 -10.38 1.68
C GLY B 317 0.64 -9.39 0.70
N MET B 318 1.48 -8.77 -0.13
CA MET B 318 0.97 -7.85 -1.15
C MET B 318 0.17 -8.60 -2.20
N VAL B 319 0.64 -9.77 -2.60
CA VAL B 319 -0.11 -10.61 -3.52
C VAL B 319 -1.49 -10.91 -2.96
N LEU B 320 -1.54 -11.28 -1.66
CA LEU B 320 -2.81 -11.65 -1.05
C LEU B 320 -3.75 -10.46 -0.95
N ASN B 321 -3.23 -9.27 -0.62
CA ASN B 321 -4.09 -8.10 -0.57
C ASN B 321 -4.62 -7.74 -1.95
N GLU B 322 -3.78 -7.86 -2.98
CA GLU B 322 -4.25 -7.53 -4.32
C GLU B 322 -5.27 -8.56 -4.82
N ALA B 323 -5.13 -9.83 -4.44
CA ALA B 323 -6.16 -10.81 -4.74
C ALA B 323 -7.46 -10.49 -4.00
N LEU B 324 -7.35 -10.05 -2.73
CA LEU B 324 -8.52 -9.61 -1.99
C LEU B 324 -9.14 -8.34 -2.57
N ARG B 325 -8.32 -7.47 -3.17
CA ARG B 325 -8.90 -6.30 -3.81
C ARG B 325 -9.79 -6.71 -4.98
N LEU B 326 -9.28 -7.58 -5.85
CA LEU B 326 -10.04 -7.93 -7.05
C LEU B 326 -11.23 -8.84 -6.73
N TRP B 327 -11.04 -9.84 -5.88
CA TRP B 327 -12.11 -10.79 -5.59
C TRP B 327 -12.20 -11.04 -4.09
N PRO B 328 -12.68 -10.05 -3.33
CA PRO B 328 -12.94 -10.25 -1.91
C PRO B 328 -13.95 -11.38 -1.70
N THR B 329 -13.53 -12.40 -0.96
CA THR B 329 -14.28 -13.65 -0.96
C THR B 329 -15.50 -13.63 -0.03
N ALA B 330 -15.61 -12.66 0.88
CA ALA B 330 -16.88 -12.37 1.54
C ALA B 330 -17.37 -11.06 0.91
N PRO B 331 -18.13 -11.12 -0.18
CA PRO B 331 -18.18 -9.99 -1.12
C PRO B 331 -19.08 -8.84 -0.70
N ALA B 332 -19.79 -8.91 0.42
CA ALA B 332 -20.64 -7.79 0.80
C ALA B 332 -20.89 -7.80 2.29
N PHE B 333 -21.27 -6.64 2.82
CA PHE B 333 -21.82 -6.58 4.18
C PHE B 333 -22.90 -5.51 4.21
N SER B 334 -23.71 -5.57 5.26
CA SER B 334 -24.96 -4.82 5.34
C SER B 334 -24.95 -3.89 6.54
N LEU B 335 -25.60 -2.73 6.38
CA LEU B 335 -25.64 -1.71 7.40
C LEU B 335 -27.06 -1.17 7.50
N TYR B 336 -27.39 -0.57 8.65
CA TYR B 336 -28.64 0.15 8.80
C TYR B 336 -28.37 1.50 9.44
N ALA B 337 -29.19 2.49 9.08
CA ALA B 337 -29.04 3.84 9.61
C ALA B 337 -29.55 3.87 11.05
N LYS B 338 -28.69 4.31 11.96
CA LYS B 338 -29.10 4.37 13.36
C LYS B 338 -30.17 5.44 13.57
N GLU B 339 -30.12 6.51 12.81
CA GLU B 339 -31.16 7.55 12.88
C GLU B 339 -31.37 8.11 11.48
N ASP B 340 -32.30 9.04 11.33
CA ASP B 340 -32.48 9.70 10.02
C ASP B 340 -31.16 10.40 9.70
N THR B 341 -30.72 10.26 8.46
CA THR B 341 -29.45 10.88 8.05
C THR B 341 -29.43 11.06 6.53
N VAL B 342 -28.55 11.89 6.06
CA VAL B 342 -28.44 12.12 4.60
C VAL B 342 -27.13 11.52 4.11
N LEU B 343 -27.22 10.67 3.12
CA LEU B 343 -26.00 10.02 2.61
C LEU B 343 -25.43 10.79 1.41
N GLY B 344 -24.18 11.21 1.54
CA GLY B 344 -23.45 11.91 0.46
C GLY B 344 -24.01 13.26 0.07
N GLY B 345 -24.82 13.90 0.91
CA GLY B 345 -25.43 15.19 0.63
C GLY B 345 -26.64 15.11 -0.29
N GLU B 346 -27.06 13.93 -0.72
CA GLU B 346 -28.19 13.92 -1.66
C GLU B 346 -29.13 12.75 -1.44
N TYR B 347 -28.79 11.79 -0.60
CA TYR B 347 -29.68 10.63 -0.42
C TYR B 347 -30.23 10.57 1.01
N PRO B 348 -31.44 11.07 1.26
CA PRO B 348 -32.00 11.05 2.59
C PRO B 348 -32.36 9.60 2.95
N LEU B 349 -32.00 9.21 4.16
CA LEU B 349 -32.28 7.87 4.65
C LEU B 349 -33.02 7.99 5.98
N GLU B 350 -34.01 7.14 6.20
CA GLU B 350 -34.75 7.15 7.46
C GLU B 350 -34.19 6.09 8.40
N LYS B 351 -34.39 6.27 9.70
CA LYS B 351 -33.94 5.32 10.74
C LYS B 351 -34.32 3.91 10.33
N GLY B 352 -33.36 3.02 10.38
CA GLY B 352 -33.58 1.65 10.01
C GLY B 352 -33.35 1.32 8.55
N ASP B 353 -33.22 2.32 7.67
CA ASP B 353 -32.98 2.03 6.26
C ASP B 353 -31.70 1.22 6.07
N GLU B 354 -31.73 0.30 5.12
CA GLU B 354 -30.66 -0.67 4.94
C GLU B 354 -29.75 -0.29 3.77
N LEU B 355 -28.46 -0.60 3.93
CA LEU B 355 -27.43 -0.41 2.92
C LEU B 355 -26.67 -1.71 2.74
N MET B 356 -26.27 -2.01 1.49
CA MET B 356 -25.34 -3.08 1.19
C MET B 356 -24.07 -2.49 0.61
N VAL B 357 -22.92 -2.91 1.14
CA VAL B 357 -21.61 -2.51 0.62
C VAL B 357 -21.15 -3.58 -0.37
N LEU B 358 -21.09 -3.22 -1.65
CA LEU B 358 -20.66 -4.16 -2.70
C LEU B 358 -19.15 -4.08 -2.82
N ILE B 359 -18.45 -4.93 -2.04
CA ILE B 359 -17.00 -4.79 -1.90
C ILE B 359 -16.24 -4.87 -3.22
N PRO B 360 -16.49 -5.84 -4.12
CA PRO B 360 -15.69 -5.89 -5.36
C PRO B 360 -15.82 -4.62 -6.19
N GLN B 361 -16.98 -3.94 -6.11
CA GLN B 361 -17.13 -2.68 -6.82
C GLN B 361 -16.36 -1.55 -6.14
N LEU B 362 -16.45 -1.48 -4.80
CA LEU B 362 -15.62 -0.54 -4.05
C LEU B 362 -14.16 -0.66 -4.45
N HIS B 363 -13.66 -1.88 -4.58
CA HIS B 363 -12.27 -2.12 -4.91
C HIS B 363 -11.95 -1.83 -6.38
N ARG B 364 -12.95 -1.42 -7.17
CA ARG B 364 -12.73 -1.00 -8.54
C ARG B 364 -13.04 0.47 -8.77
N ASP B 365 -13.19 1.25 -7.69
CA ASP B 365 -13.51 2.67 -7.75
C ASP B 365 -12.30 3.41 -8.35
N LYS B 366 -12.41 3.81 -9.62
CA LYS B 366 -11.28 4.41 -10.32
C LYS B 366 -10.84 5.72 -9.68
N THR B 367 -11.75 6.44 -9.02
CA THR B 367 -11.36 7.68 -8.36
C THR B 367 -10.40 7.45 -7.19
N ILE B 368 -10.24 6.20 -6.73
CA ILE B 368 -9.29 5.86 -5.69
C ILE B 368 -8.08 5.12 -6.25
N TRP B 369 -8.30 4.14 -7.13
CA TRP B 369 -7.25 3.24 -7.55
C TRP B 369 -6.64 3.58 -8.91
N GLY B 370 -7.21 4.54 -9.65
CA GLY B 370 -6.74 4.83 -10.99
C GLY B 370 -7.45 4.01 -12.04
N ASP B 371 -7.03 4.18 -13.28
CA ASP B 371 -7.73 3.54 -14.40
C ASP B 371 -7.46 2.04 -14.50
N ASP B 372 -6.33 1.56 -14.00
CA ASP B 372 -5.96 0.15 -14.16
C ASP B 372 -6.56 -0.77 -13.08
N VAL B 373 -7.82 -0.55 -12.69
CA VAL B 373 -8.40 -1.28 -11.55
C VAL B 373 -8.48 -2.77 -11.81
N GLU B 374 -8.59 -3.19 -13.08
CA GLU B 374 -8.77 -4.61 -13.35
C GLU B 374 -7.44 -5.35 -13.42
N GLU B 375 -6.31 -4.65 -13.40
CA GLU B 375 -5.02 -5.30 -13.50
C GLU B 375 -4.55 -5.78 -12.13
N PHE B 376 -3.88 -6.92 -12.12
CA PHE B 376 -3.36 -7.52 -10.89
C PHE B 376 -1.95 -7.00 -10.68
N ARG B 377 -1.80 -6.05 -9.75
CA ARG B 377 -0.51 -5.43 -9.48
C ARG B 377 -0.32 -5.35 -7.97
N PRO B 378 0.30 -6.36 -7.37
CA PRO B 378 0.52 -6.32 -5.91
C PRO B 378 1.29 -5.10 -5.47
N GLU B 379 2.04 -4.46 -6.37
CA GLU B 379 2.80 -3.27 -6.04
C GLU B 379 1.91 -2.11 -5.57
N ARG B 380 0.60 -2.15 -5.85
CA ARG B 380 -0.31 -1.17 -5.25
C ARG B 380 -0.18 -1.12 -3.75
N PHE B 381 0.12 -2.26 -3.15
CA PHE B 381 0.16 -2.41 -1.70
C PHE B 381 1.58 -2.35 -1.17
N GLU B 382 2.54 -1.91 -1.98
CA GLU B 382 3.94 -1.87 -1.56
C GLU B 382 4.12 -1.01 -0.33
N ASN B 383 3.39 0.09 -0.27
CA ASN B 383 3.44 1.00 0.88
C ASN B 383 2.01 1.16 1.41
N PRO B 384 1.66 0.51 2.52
CA PRO B 384 0.25 0.51 2.96
C PRO B 384 -0.33 1.89 3.19
N SER B 385 0.49 2.92 3.39
CA SER B 385 -0.05 4.23 3.72
C SER B 385 -0.64 4.96 2.52
N ALA B 386 -0.36 4.51 1.29
CA ALA B 386 -0.93 5.17 0.13
C ALA B 386 -2.40 4.86 -0.08
N ILE B 387 -3.00 4.00 0.74
CA ILE B 387 -4.35 3.53 0.53
C ILE B 387 -5.30 4.39 1.36
N PRO B 388 -6.22 5.13 0.73
CA PRO B 388 -7.14 5.99 1.48
C PRO B 388 -8.01 5.21 2.46
N GLN B 389 -8.55 5.93 3.43
CA GLN B 389 -9.40 5.31 4.43
C GLN B 389 -10.67 4.77 3.79
N HIS B 390 -11.00 3.52 4.10
CA HIS B 390 -12.21 2.84 3.65
C HIS B 390 -12.26 2.60 2.14
N ALA B 391 -11.11 2.63 1.46
CA ALA B 391 -11.08 2.23 0.06
C ALA B 391 -10.91 0.73 -0.12
N PHE B 392 -10.39 0.05 0.89
CA PHE B 392 -10.01 -1.36 0.83
C PHE B 392 -10.65 -2.01 2.05
N LYS B 393 -11.73 -2.76 1.84
CA LYS B 393 -12.53 -3.31 2.95
C LYS B 393 -12.86 -4.79 2.80
N PRO B 394 -11.88 -5.64 2.50
CA PRO B 394 -12.18 -7.07 2.36
C PRO B 394 -12.56 -7.74 3.67
N PHE B 395 -12.26 -7.10 4.82
CA PHE B 395 -12.55 -7.66 6.13
C PHE B 395 -13.63 -6.88 6.89
N GLY B 396 -14.48 -6.14 6.18
CA GLY B 396 -15.57 -5.45 6.85
C GLY B 396 -15.11 -4.15 7.50
N ASN B 397 -15.85 -3.72 8.52
CA ASN B 397 -15.68 -2.38 9.04
C ASN B 397 -15.80 -2.33 10.56
N GLY B 398 -14.90 -1.57 11.18
CA GLY B 398 -15.03 -1.14 12.56
C GLY B 398 -15.07 -2.30 13.54
N GLN B 399 -15.84 -2.11 14.62
CA GLN B 399 -15.92 -3.15 15.65
C GLN B 399 -16.56 -4.42 15.13
N ARG B 400 -17.29 -4.36 14.01
CA ARG B 400 -17.87 -5.55 13.40
C ARG B 400 -17.02 -6.06 12.25
N ALA B 401 -15.75 -5.66 12.19
CA ALA B 401 -14.85 -6.21 11.19
C ALA B 401 -14.52 -7.67 11.50
N CYS B 402 -13.89 -8.32 10.54
CA CYS B 402 -13.53 -9.73 10.68
C CYS B 402 -12.59 -9.93 11.86
N ILE B 403 -13.04 -10.71 12.85
CA ILE B 403 -12.16 -11.03 13.96
C ILE B 403 -11.05 -11.98 13.54
N GLY B 404 -11.27 -12.75 12.47
CA GLY B 404 -10.32 -13.72 11.96
C GLY B 404 -9.32 -13.19 10.97
N GLN B 405 -9.20 -11.86 10.82
CA GLN B 405 -8.34 -11.31 9.78
C GLN B 405 -6.90 -11.75 9.94
N GLN B 406 -6.34 -11.64 11.16
CA GLN B 406 -4.94 -12.03 11.36
C GLN B 406 -4.75 -13.52 11.17
N PHE B 407 -5.72 -14.33 11.60
CA PHE B 407 -5.68 -15.78 11.37
C PHE B 407 -5.68 -16.07 9.88
N ALA B 408 -6.64 -15.50 9.15
CA ALA B 408 -6.75 -15.77 7.72
C ALA B 408 -5.49 -15.39 6.97
N LEU B 409 -4.92 -14.22 7.27
CA LEU B 409 -3.74 -13.76 6.55
C LEU B 409 -2.49 -14.51 6.97
N HIS B 410 -2.40 -14.93 8.23
CA HIS B 410 -1.24 -15.72 8.64
C HIS B 410 -1.26 -17.08 7.97
N GLU B 411 -2.40 -17.77 8.01
CA GLU B 411 -2.52 -19.04 7.30
C GLU B 411 -2.21 -18.89 5.82
N ALA B 412 -2.84 -17.91 5.17
CA ALA B 412 -2.69 -17.78 3.73
C ALA B 412 -1.26 -17.40 3.36
N THR B 413 -0.62 -16.55 4.16
CA THR B 413 0.77 -16.19 3.88
C THR B 413 1.68 -17.39 4.08
N LEU B 414 1.49 -18.12 5.16
CA LEU B 414 2.28 -19.32 5.42
C LEU B 414 2.17 -20.31 4.28
N VAL B 415 0.94 -20.62 3.87
CA VAL B 415 0.71 -21.68 2.89
C VAL B 415 1.17 -21.27 1.51
N LEU B 416 0.80 -20.04 1.08
CA LEU B 416 1.27 -19.56 -0.21
C LEU B 416 2.79 -19.50 -0.24
N GLY B 417 3.40 -19.07 0.86
CA GLY B 417 4.86 -19.05 0.92
C GLY B 417 5.44 -20.42 0.71
N MET B 418 4.88 -21.43 1.39
CA MET B 418 5.39 -22.80 1.23
C MET B 418 5.15 -23.32 -0.18
N MET B 419 3.99 -23.03 -0.77
CA MET B 419 3.72 -23.46 -2.14
C MET B 419 4.76 -22.90 -3.11
N LEU B 420 5.03 -21.60 -2.99
CA LEU B 420 5.98 -20.93 -3.87
C LEU B 420 7.40 -21.36 -3.60
N LYS B 421 7.71 -21.77 -2.36
CA LYS B 421 9.04 -22.30 -2.07
C LYS B 421 9.25 -23.66 -2.69
N HIS B 422 8.24 -24.53 -2.63
CA HIS B 422 8.45 -25.94 -2.94
C HIS B 422 8.13 -26.35 -4.37
N PHE B 423 7.42 -25.53 -5.15
CA PHE B 423 6.98 -25.96 -6.47
C PHE B 423 7.04 -24.82 -7.48
N ASP B 424 7.29 -25.18 -8.74
CA ASP B 424 6.93 -24.35 -9.87
C ASP B 424 5.55 -24.75 -10.37
N PHE B 425 4.77 -23.78 -10.82
CA PHE B 425 3.38 -24.02 -11.21
C PHE B 425 3.19 -23.76 -12.70
N GLU B 426 2.38 -24.59 -13.33
CA GLU B 426 2.04 -24.45 -14.74
C GLU B 426 0.53 -24.35 -14.89
N ASP B 427 0.08 -23.30 -15.59
CA ASP B 427 -1.31 -23.15 -16.00
C ASP B 427 -1.54 -23.97 -17.28
N HIS B 428 -1.55 -25.29 -17.11
CA HIS B 428 -1.45 -26.19 -18.25
C HIS B 428 -2.70 -26.20 -19.12
N THR B 429 -3.85 -25.77 -18.61
CA THR B 429 -5.06 -25.72 -19.42
C THR B 429 -5.37 -24.32 -19.94
N ASN B 430 -4.50 -23.34 -19.69
CA ASN B 430 -4.82 -21.94 -19.93
C ASN B 430 -6.21 -21.62 -19.38
N TYR B 431 -6.34 -21.83 -18.07
CA TYR B 431 -7.64 -21.82 -17.40
C TYR B 431 -8.38 -20.51 -17.61
N GLU B 432 -9.65 -20.61 -17.97
CA GLU B 432 -10.51 -19.44 -18.11
C GLU B 432 -11.24 -19.20 -16.80
N LEU B 433 -11.02 -18.02 -16.21
CA LEU B 433 -11.60 -17.70 -14.91
C LEU B 433 -13.11 -17.86 -14.94
N ASP B 434 -13.62 -18.70 -14.05
CA ASP B 434 -15.04 -18.97 -13.89
C ASP B 434 -15.31 -18.91 -12.39
N ILE B 435 -16.02 -17.87 -11.96
CA ILE B 435 -16.19 -17.61 -10.54
C ILE B 435 -17.51 -18.19 -10.07
N LYS B 436 -17.44 -19.29 -9.32
CA LYS B 436 -18.63 -19.87 -8.73
C LYS B 436 -19.01 -19.12 -7.45
N GLU B 437 -20.30 -18.91 -7.26
CA GLU B 437 -20.80 -18.13 -6.14
C GLU B 437 -21.63 -19.02 -5.23
N THR B 438 -21.21 -19.11 -3.97
CA THR B 438 -22.06 -19.56 -2.87
C THR B 438 -22.42 -18.32 -2.05
N LEU B 439 -22.32 -18.33 -0.73
CA LEU B 439 -22.23 -17.03 -0.06
C LEU B 439 -20.84 -16.41 -0.18
N THR B 440 -19.87 -17.15 -0.74
CA THR B 440 -18.52 -16.67 -0.99
C THR B 440 -18.18 -16.93 -2.46
N LEU B 441 -16.98 -16.53 -2.85
CA LEU B 441 -16.54 -16.58 -4.24
C LEU B 441 -15.32 -17.51 -4.36
N LYS B 442 -15.25 -18.24 -5.48
CA LYS B 442 -14.09 -19.10 -5.73
C LYS B 442 -13.95 -19.32 -7.23
N PRO B 443 -12.71 -19.58 -7.72
CA PRO B 443 -12.53 -19.89 -9.15
C PRO B 443 -12.80 -21.35 -9.48
N GLU B 444 -14.01 -21.64 -9.97
CA GLU B 444 -14.42 -23.01 -10.18
C GLU B 444 -13.62 -23.67 -11.29
N GLY B 445 -13.21 -24.93 -11.06
CA GLY B 445 -12.44 -25.67 -12.05
C GLY B 445 -11.02 -25.22 -12.25
N PHE B 446 -10.50 -24.35 -11.39
CA PHE B 446 -9.11 -23.92 -11.52
C PHE B 446 -8.19 -25.09 -11.23
N VAL B 447 -7.36 -25.46 -12.19
CA VAL B 447 -6.43 -26.57 -12.06
C VAL B 447 -5.05 -26.12 -12.53
N VAL B 448 -4.02 -26.67 -11.89
CA VAL B 448 -2.63 -26.42 -12.29
C VAL B 448 -1.85 -27.72 -12.16
N LYS B 449 -0.67 -27.72 -12.76
CA LYS B 449 0.34 -28.75 -12.51
C LYS B 449 1.45 -28.15 -11.68
N ALA B 450 1.98 -28.94 -10.75
CA ALA B 450 3.08 -28.51 -9.91
C ALA B 450 4.28 -29.40 -10.19
N LYS B 451 5.41 -28.76 -10.47
CA LYS B 451 6.68 -29.46 -10.59
C LYS B 451 7.50 -29.17 -9.33
N SER B 452 7.84 -30.22 -8.59
CA SER B 452 8.54 -30.05 -7.34
C SER B 452 9.92 -29.46 -7.57
N LYS B 453 10.31 -28.53 -6.69
CA LYS B 453 11.69 -28.08 -6.63
C LYS B 453 12.57 -28.99 -5.80
N LYS B 454 12.01 -30.09 -5.25
CA LYS B 454 12.76 -31.14 -4.54
C LYS B 454 13.45 -30.62 -3.27
N ILE B 455 12.81 -29.71 -2.57
CA ILE B 455 13.35 -29.13 -1.34
C ILE B 455 12.74 -29.88 -0.16
N PRO B 456 13.54 -30.54 0.68
CA PRO B 456 12.96 -31.41 1.72
C PRO B 456 12.28 -30.60 2.83
N LEU B 457 11.38 -31.29 3.54
CA LEU B 457 10.66 -30.72 4.67
C LEU B 457 11.21 -31.17 6.01
C01 I7X C 1 22.15 13.40 2.26
C02 I7X C 1 23.18 12.33 2.15
C27 I7X C 1 20.94 12.98 1.43
C28 I7X C 1 19.90 14.03 1.16
C29 I7X C 1 19.66 14.94 2.33
C30 I7X C 1 18.50 15.94 2.18
C32 I7X C 1 17.08 14.05 1.70
C33 I7X C 1 15.85 13.91 1.11
C35 I7X C 1 16.39 15.88 1.09
N31 I7X C 1 17.35 15.28 1.67
N34 I7X C 1 15.46 15.07 0.72
O26 I7X C 1 23.04 11.37 2.69
C 55I C 2 26.06 10.92 2.33
N 55I C 2 24.32 12.49 1.34
O 55I C 2 26.63 9.93 2.26
CA 55I C 2 25.30 11.46 1.13
CB 55I C 2 26.31 11.95 0.12
CG 55I C 2 27.33 12.91 0.65
CZ 55I C 2 29.18 14.70 1.60
C13 55I C 2 30.21 15.71 2.11
F19 55I C 2 30.65 15.40 3.27
F20 55I C 2 29.73 16.95 2.11
F21 55I C 2 31.27 15.72 1.36
CD1 55I C 2 27.08 14.25 0.57
CD2 55I C 2 28.49 12.46 1.18
CE1 55I C 2 28.01 15.14 1.05
CE2 55I C 2 29.43 13.37 1.64
N TYR C 3 26.07 11.68 3.51
CA TYR C 3 26.80 11.28 4.67
C TYR C 3 26.17 11.91 5.89
C01 I7X D 1 -23.58 -12.36 2.01
C02 I7X D 1 -24.09 -11.27 1.15
C27 I7X D 1 -22.11 -12.06 2.20
C28 I7X D 1 -21.28 -13.15 2.87
C29 I7X D 1 -21.84 -13.58 4.17
C30 I7X D 1 -21.11 -14.75 4.79
C32 I7X D 1 -19.78 -13.08 5.85
C33 I7X D 1 -18.50 -13.04 6.29
C35 I7X D 1 -18.82 -14.89 5.47
N31 I7X D 1 -19.91 -14.25 5.36
N34 I7X D 1 -17.94 -14.17 6.05
O26 I7X D 1 -24.36 -10.27 1.60
C 55I D 2 -25.94 -9.88 -1.01
N 55I D 2 -24.19 -11.51 -0.24
O 55I D 2 -26.20 -8.95 -1.58
CA 55I D 2 -24.57 -10.52 -1.18
CB 55I D 2 -24.42 -11.15 -2.55
CG 55I D 2 -25.54 -12.09 -2.90
CZ 55I D 2 -27.58 -13.81 -3.54
C13 55I D 2 -28.72 -14.77 -3.90
F19 55I D 2 -29.92 -14.28 -3.64
F20 55I D 2 -28.54 -15.96 -3.37
F21 55I D 2 -28.68 -14.97 -5.17
CD1 55I D 2 -26.68 -11.62 -3.49
CD2 55I D 2 -25.42 -13.41 -2.63
CE1 55I D 2 -27.69 -12.49 -3.79
CE2 55I D 2 -26.46 -14.27 -2.96
N TYR D 3 -26.87 -10.43 -0.12
CA TYR D 3 -28.19 -9.88 0.05
C TYR D 3 -28.78 -10.38 1.34
CHA HEM E . 11.63 11.98 2.30
CHB HEM E . 13.41 11.99 -2.19
CHC HEM E . 10.30 15.49 -3.45
CHD HEM E . 8.96 15.88 1.18
C1A HEM E . 12.37 11.64 1.20
C2A HEM E . 13.37 10.60 1.12
C3A HEM E . 13.87 10.61 -0.13
C4A HEM E . 13.20 11.65 -0.88
CMA HEM E . 14.97 9.67 -0.67
CAA HEM E . 13.80 9.66 2.26
CBA HEM E . 15.00 10.32 2.95
CGA HEM E . 15.53 9.49 4.10
O1A HEM E . 15.14 8.30 4.24
O2A HEM E . 16.34 10.03 4.89
C1B HEM E . 12.70 12.90 -2.94
C2B HEM E . 12.86 13.15 -4.37
C3B HEM E . 12.00 14.12 -4.72
C4B HEM E . 11.27 14.52 -3.52
CMB HEM E . 13.85 12.38 -5.27
CAB HEM E . 11.74 14.76 -6.11
CBB HEM E . 11.89 14.11 -7.27
C1C HEM E . 9.64 15.91 -2.32
C2C HEM E . 8.60 16.92 -2.22
C3C HEM E . 8.23 17.01 -0.93
C4C HEM E . 9.04 16.07 -0.18
CMC HEM E . 8.03 17.71 -3.43
CAC HEM E . 7.19 17.93 -0.25
CBC HEM E . 6.20 18.58 -0.88
C1D HEM E . 9.55 14.86 1.90
C2D HEM E . 9.38 14.59 3.32
C3D HEM E . 10.11 13.51 3.62
C4D HEM E . 10.78 13.06 2.41
CMD HEM E . 8.50 15.41 4.29
CAD HEM E . 10.24 12.84 4.99
CBD HEM E . 9.08 11.83 5.12
CGD HEM E . 9.10 11.11 6.44
O1D HEM E . 8.04 11.07 7.13
O2D HEM E . 10.17 10.58 6.83
NA HEM E . 12.29 12.27 -0.03
NB HEM E . 11.75 13.76 -2.48
NC HEM E . 9.88 15.42 -1.05
ND HEM E . 10.40 13.91 1.39
FE HEM E . 11.04 13.80 -0.54
CHA HEM F . -16.58 -11.09 9.93
CHB HEM F . -14.31 -11.46 5.66
CHC HEM F . -11.73 -15.20 7.37
CHD HEM F . -14.35 -15.14 11.44
C1A HEM F . -16.19 -10.84 8.62
C2A HEM F . -16.67 -9.79 7.76
C3A HEM F . -16.05 -9.89 6.59
C4A HEM F . -15.14 -11.02 6.66
CMA HEM F . -16.24 -9.00 5.35
CAA HEM F . -17.74 -8.74 8.14
CBA HEM F . -19.09 -9.29 7.68
CGA HEM F . -20.24 -8.34 8.01
O1A HEM F . -19.99 -7.16 8.35
O2A HEM F . -21.41 -8.79 7.90
C1B HEM F . -13.38 -12.49 5.76
C2B HEM F . -12.41 -12.84 4.76
C3B HEM F . -11.69 -13.88 5.22
C4B HEM F . -12.20 -14.20 6.54
CMB HEM F . -12.29 -12.11 3.39
CAB HEM F . -10.54 -14.65 4.55
CBB HEM F . -9.70 -14.07 3.68
C1C HEM F . -12.18 -15.50 8.64
C2C HEM F . -11.63 -16.50 9.54
C3C HEM F . -12.36 -16.50 10.68
C4C HEM F . -13.39 -15.49 10.52
CMC HEM F . -10.41 -17.39 9.19
CAC HEM F . -12.21 -17.35 11.96
CBC HEM F . -11.11 -18.02 12.32
C1D HEM F . -15.18 -14.03 11.39
C2D HEM F . -16.11 -13.61 12.42
C3D HEM F . -16.71 -12.50 12.01
C4D HEM F . -16.20 -12.16 10.70
CMD HEM F . -16.33 -14.34 13.77
CAD HEM F . -17.77 -11.67 12.76
CBD HEM F . -17.02 -10.68 13.65
CGD HEM F . -17.99 -9.84 14.45
O1D HEM F . -17.80 -9.70 15.68
O2D HEM F . -18.94 -9.28 13.84
NA HEM F . -15.26 -11.57 7.92
NB HEM F . -13.23 -13.34 6.82
NC HEM F . -13.25 -14.91 9.27
ND HEM F . -15.27 -13.12 10.36
FE HEM F . -14.19 -13.20 8.61
#